data_3WR7
#
_entry.id   3WR7
#
_cell.length_a   148.688
_cell.length_b   148.688
_cell.length_c   148.688
_cell.angle_alpha   90.00
_cell.angle_beta   90.00
_cell.angle_gamma   90.00
#
_symmetry.space_group_name_H-M   'P 2 3'
#
loop_
_entity.id
_entity.type
_entity.pdbx_description
1 polymer 'Spermidine N1-acetyltransferase'
2 non-polymer SPERMIDINE
3 non-polymer 'COENZYME A'
4 water water
#
_entity_poly.entity_id   1
_entity_poly.type   'polypeptide(L)'
_entity_poly.pdbx_seq_one_letter_code
;HSVKLRPLEREDLRYVHQLDNNASVMRYWFEEPYEAFVELSDLYDKHIHDQSERRFVVECDGEKAGLVELVEINHVHRRA
EFQIIISPEYQGKGLATRAAKLAMDYGFTVLNLYKLYLIVDKENEKAIHIYRKLGFSVEGELMHEFFINGQYRNAIRMCI
FQHQYLAEHK
;
_entity_poly.pdbx_strand_id   A,C,B,D
#
loop_
_chem_comp.id
_chem_comp.type
_chem_comp.name
_chem_comp.formula
COA non-polymer 'COENZYME A' 'C21 H36 N7 O16 P3 S'
SPD non-polymer SPERMIDINE 'C7 H19 N3'
#
# COMPACT_ATOMS: atom_id res chain seq x y z
N HIS A 1 -43.39 22.86 15.87
CA HIS A 1 -42.90 24.05 16.65
C HIS A 1 -41.41 24.11 17.15
N SER A 2 -40.81 22.99 17.54
CA SER A 2 -39.36 23.00 17.91
C SER A 2 -38.40 22.58 16.77
N VAL A 3 -37.41 23.43 16.50
CA VAL A 3 -36.55 23.31 15.32
C VAL A 3 -35.05 23.50 15.62
N LYS A 4 -34.24 22.44 15.42
CA LYS A 4 -32.76 22.53 15.58
C LYS A 4 -31.92 22.03 14.36
N LEU A 5 -30.62 22.33 14.39
CA LEU A 5 -29.66 21.82 13.44
C LEU A 5 -28.70 20.85 14.15
N ARG A 6 -28.41 19.71 13.51
CA ARG A 6 -27.37 18.79 14.03
C ARG A 6 -26.52 18.25 12.91
N PRO A 7 -25.36 17.65 13.22
CA PRO A 7 -24.55 17.21 12.09
C PRO A 7 -25.16 16.05 11.35
N LEU A 8 -24.93 16.03 10.03
CA LEU A 8 -25.33 14.94 9.17
C LEU A 8 -24.49 13.70 9.53
N GLU A 9 -25.15 12.64 9.94
CA GLU A 9 -24.52 11.40 10.41
C GLU A 9 -24.63 10.29 9.35
N ARG A 10 -23.69 9.36 9.37
CA ARG A 10 -23.80 8.15 8.57
C ARG A 10 -25.21 7.59 8.55
N GLU A 11 -25.80 7.45 9.72
CA GLU A 11 -27.15 6.87 9.81
C GLU A 11 -28.21 7.76 9.13
N ASP A 12 -27.87 8.99 8.76
CA ASP A 12 -28.84 9.82 8.04
C ASP A 12 -28.82 9.65 6.53
N LEU A 13 -28.02 8.72 6.00
CA LEU A 13 -27.66 8.88 4.61
C LEU A 13 -28.79 8.46 3.71
N ARG A 14 -29.57 7.56 4.23
CA ARG A 14 -30.60 6.95 3.50
C ARG A 14 -31.64 8.05 3.18
N TYR A 15 -31.93 8.87 4.19
CA TYR A 15 -32.90 9.95 4.04
C TYR A 15 -32.37 10.94 3.02
N VAL A 16 -31.07 11.17 3.04
CA VAL A 16 -30.49 12.08 2.09
C VAL A 16 -30.60 11.48 0.69
N HIS A 17 -30.52 10.15 0.61
CA HIS A 17 -30.47 9.48 -0.64
C HIS A 17 -31.80 9.69 -1.39
N GLN A 18 -32.90 9.58 -0.64
CA GLN A 18 -34.19 9.74 -1.22
C GLN A 18 -34.34 11.17 -1.73
N LEU A 19 -33.96 12.14 -0.92
CA LEU A 19 -33.94 13.53 -1.38
C LEU A 19 -33.06 13.75 -2.60
N ASP A 20 -31.87 13.16 -2.60
CA ASP A 20 -30.94 13.43 -3.64
C ASP A 20 -31.39 12.82 -5.00
N ASN A 21 -32.45 12.00 -4.98
CA ASN A 21 -33.00 11.43 -6.23
C ASN A 21 -34.39 11.99 -6.55
N ASN A 22 -34.70 13.12 -5.93
CA ASN A 22 -35.93 13.86 -6.18
C ASN A 22 -35.65 15.08 -7.06
N ALA A 23 -35.99 14.94 -8.35
CA ALA A 23 -35.76 16.02 -9.35
C ALA A 23 -36.33 17.37 -8.94
N SER A 24 -37.54 17.37 -8.37
CA SER A 24 -38.21 18.64 -8.02
C SER A 24 -37.52 19.30 -6.82
N VAL A 25 -37.07 18.50 -5.87
CA VAL A 25 -36.22 19.06 -4.85
C VAL A 25 -34.84 19.47 -5.35
N MET A 26 -34.15 18.58 -6.06
CA MET A 26 -32.75 18.82 -6.41
C MET A 26 -32.54 19.97 -7.35
N ARG A 27 -33.56 20.29 -8.17
CA ARG A 27 -33.48 21.49 -9.02
C ARG A 27 -33.15 22.78 -8.23
N TYR A 28 -33.63 22.90 -6.99
CA TYR A 28 -33.28 24.02 -6.09
C TYR A 28 -31.77 24.21 -5.86
N TRP A 29 -31.02 23.11 -5.89
CA TRP A 29 -29.59 23.19 -5.61
C TRP A 29 -28.76 23.14 -6.85
N PHE A 30 -29.43 23.13 -8.00
CA PHE A 30 -28.76 23.06 -9.30
C PHE A 30 -27.98 21.75 -9.40
N GLU A 31 -28.65 20.68 -8.99
CA GLU A 31 -27.95 19.46 -8.65
C GLU A 31 -28.58 18.33 -9.42
N GLU A 32 -27.76 17.64 -10.20
CA GLU A 32 -28.24 16.54 -11.00
C GLU A 32 -28.93 15.53 -10.11
N PRO A 33 -30.22 15.23 -10.37
CA PRO A 33 -31.00 14.33 -9.47
C PRO A 33 -30.66 12.83 -9.73
N TYR A 34 -29.37 12.53 -9.74
CA TYR A 34 -29.01 11.12 -9.81
C TYR A 34 -27.99 10.80 -8.75
N GLU A 35 -28.27 9.80 -7.92
CA GLU A 35 -27.25 9.31 -6.99
C GLU A 35 -27.43 7.91 -6.46
N ALA A 36 -26.48 7.03 -6.83
CA ALA A 36 -26.51 5.68 -6.26
C ALA A 36 -26.01 5.85 -4.81
N PHE A 37 -26.63 5.14 -3.90
CA PHE A 37 -26.28 5.19 -2.48
C PHE A 37 -24.81 4.95 -2.23
N VAL A 38 -24.25 3.95 -2.87
CA VAL A 38 -22.82 3.72 -2.70
C VAL A 38 -21.97 4.92 -3.09
N GLU A 39 -22.41 5.75 -4.06
CA GLU A 39 -21.65 7.01 -4.37
C GLU A 39 -21.78 8.03 -3.24
N LEU A 40 -22.93 8.06 -2.59
CA LEU A 40 -23.21 9.06 -1.56
C LEU A 40 -22.40 8.60 -0.32
N SER A 41 -22.53 7.33 0.00
CA SER A 41 -21.77 6.79 1.11
C SER A 41 -20.26 7.04 0.94
N ASP A 42 -19.76 6.78 -0.25
CA ASP A 42 -18.39 7.09 -0.47
C ASP A 42 -17.93 8.52 -0.39
N LEU A 43 -18.78 9.46 -0.82
CA LEU A 43 -18.32 10.83 -0.89
C LEU A 43 -18.46 11.37 0.52
N TYR A 44 -19.46 10.89 1.25
CA TYR A 44 -19.58 11.24 2.66
C TYR A 44 -18.26 10.82 3.39
N ASP A 45 -17.79 9.58 3.19
CA ASP A 45 -16.57 9.12 3.90
C ASP A 45 -15.37 9.90 3.41
N LYS A 46 -15.39 10.32 2.16
CA LYS A 46 -14.23 11.03 1.65
C LYS A 46 -14.08 12.41 2.37
N HIS A 47 -15.20 12.95 2.81
CA HIS A 47 -15.23 14.35 3.28
C HIS A 47 -15.27 14.50 4.81
N ILE A 48 -15.17 13.36 5.52
CA ILE A 48 -15.29 13.33 6.94
C ILE A 48 -14.40 14.41 7.61
N HIS A 49 -13.12 14.43 7.28
CA HIS A 49 -12.21 15.43 7.83
C HIS A 49 -12.07 16.65 6.96
N ASP A 50 -13.08 16.92 6.09
CA ASP A 50 -13.07 18.10 5.19
C ASP A 50 -13.52 19.39 5.93
N GLN A 51 -12.56 20.26 6.23
CA GLN A 51 -12.83 21.39 7.13
C GLN A 51 -13.60 22.49 6.41
N SER A 52 -13.63 22.43 5.08
CA SER A 52 -14.31 23.45 4.33
C SER A 52 -15.85 23.34 4.19
N GLU A 53 -16.49 22.45 4.94
CA GLU A 53 -17.93 22.28 4.82
C GLU A 53 -18.53 21.86 6.14
N ARG A 54 -19.80 22.14 6.37
CA ARG A 54 -20.49 21.52 7.53
C ARG A 54 -21.87 21.16 7.02
N ARG A 55 -22.25 19.90 7.15
CA ARG A 55 -23.53 19.43 6.71
C ARG A 55 -24.39 19.18 7.94
N PHE A 56 -25.64 19.66 7.87
CA PHE A 56 -26.60 19.52 8.94
C PHE A 56 -27.87 18.92 8.43
N VAL A 57 -28.54 18.24 9.33
CA VAL A 57 -29.92 17.87 9.20
C VAL A 57 -30.74 18.88 10.05
N VAL A 58 -31.85 19.37 9.46
CA VAL A 58 -32.82 20.22 10.13
C VAL A 58 -33.77 19.26 10.78
N GLU A 59 -33.92 19.39 12.09
CA GLU A 59 -34.95 18.63 12.84
C GLU A 59 -36.11 19.53 13.33
N CYS A 60 -37.35 19.06 13.17
CA CYS A 60 -38.53 19.73 13.69
C CYS A 60 -39.19 18.76 14.63
N ASP A 61 -39.35 19.17 15.88
CA ASP A 61 -39.81 18.29 16.96
C ASP A 61 -39.22 16.87 16.95
N GLY A 62 -37.91 16.81 16.78
CA GLY A 62 -37.21 15.53 16.78
C GLY A 62 -37.27 14.76 15.48
N GLU A 63 -38.03 15.25 14.50
CA GLU A 63 -38.17 14.59 13.22
C GLU A 63 -37.32 15.28 12.17
N LYS A 64 -36.74 14.49 11.27
CA LYS A 64 -35.90 15.00 10.23
C LYS A 64 -36.76 15.68 9.21
N ALA A 65 -36.38 16.90 8.81
CA ALA A 65 -37.25 17.71 7.99
C ALA A 65 -36.56 18.36 6.82
N GLY A 66 -35.22 18.38 6.83
CA GLY A 66 -34.48 18.89 5.70
C GLY A 66 -33.01 18.96 6.02
N LEU A 67 -32.30 19.73 5.22
CA LEU A 67 -30.87 19.73 5.21
C LEU A 67 -30.32 21.13 5.05
N VAL A 68 -29.26 21.48 5.80
CA VAL A 68 -28.59 22.79 5.59
C VAL A 68 -27.12 22.49 5.34
N GLU A 69 -26.41 23.32 4.60
CA GLU A 69 -25.02 23.03 4.35
C GLU A 69 -24.30 24.34 4.20
N LEU A 70 -23.22 24.52 4.92
CA LEU A 70 -22.33 25.60 4.66
C LEU A 70 -21.16 24.94 3.89
N VAL A 71 -20.87 25.40 2.68
CA VAL A 71 -19.82 24.84 1.86
C VAL A 71 -18.89 25.97 1.39
N GLU A 72 -17.73 25.65 0.81
CA GLU A 72 -16.75 26.62 0.32
C GLU A 72 -16.26 27.59 1.41
N ILE A 73 -16.43 27.15 2.67
CA ILE A 73 -15.87 27.77 3.82
C ILE A 73 -14.44 28.14 3.51
N ASN A 74 -14.20 29.43 3.29
CA ASN A 74 -12.86 29.96 3.10
C ASN A 74 -12.47 30.84 4.30
N HIS A 75 -11.41 30.49 5.06
CA HIS A 75 -11.21 31.22 6.31
C HIS A 75 -10.27 32.42 6.12
N VAL A 76 -9.52 32.47 5.06
CA VAL A 76 -8.79 33.70 4.81
C VAL A 76 -9.72 34.92 4.45
N HIS A 77 -10.67 34.68 3.56
CA HIS A 77 -11.58 35.67 3.09
C HIS A 77 -12.81 35.63 3.97
N ARG A 78 -12.83 34.72 4.95
CA ARG A 78 -13.92 34.68 5.97
C ARG A 78 -15.34 34.64 5.37
N ARG A 79 -15.56 33.69 4.44
CA ARG A 79 -16.87 33.49 3.83
C ARG A 79 -17.20 32.05 3.51
N ALA A 80 -18.48 31.77 3.31
CA ALA A 80 -18.94 30.46 2.99
C ALA A 80 -20.22 30.59 2.20
N GLU A 81 -20.66 29.51 1.58
CA GLU A 81 -21.90 29.52 0.89
C GLU A 81 -22.80 28.65 1.70
N PHE A 82 -24.08 28.92 1.66
CA PHE A 82 -25.05 28.14 2.43
C PHE A 82 -26.19 27.67 1.51
N GLN A 83 -26.77 26.52 1.78
CA GLN A 83 -27.87 26.00 0.97
C GLN A 83 -28.77 25.26 1.89
N ILE A 84 -30.02 25.09 1.48
CA ILE A 84 -31.02 24.59 2.38
C ILE A 84 -32.15 23.93 1.62
N ILE A 85 -32.72 22.91 2.23
CA ILE A 85 -33.73 22.12 1.60
C ILE A 85 -34.61 21.76 2.73
N ILE A 86 -35.90 21.89 2.46
CA ILE A 86 -36.92 21.41 3.34
C ILE A 86 -37.64 20.33 2.59
N SER A 87 -37.71 19.17 3.19
CA SER A 87 -38.32 18.05 2.53
C SER A 87 -39.79 18.38 2.24
N PRO A 88 -40.32 17.89 1.10
CA PRO A 88 -41.68 18.23 0.60
C PRO A 88 -42.82 18.22 1.60
N GLU A 89 -42.84 17.25 2.55
CA GLU A 89 -43.93 17.13 3.51
C GLU A 89 -43.76 18.11 4.67
N TYR A 90 -42.73 18.93 4.67
CA TYR A 90 -42.57 19.85 5.79
C TYR A 90 -42.67 21.27 5.33
N GLN A 91 -42.82 21.42 4.03
CA GLN A 91 -42.97 22.71 3.43
C GLN A 91 -44.26 23.38 3.92
N GLY A 92 -44.32 24.70 3.83
CA GLY A 92 -45.51 25.44 4.32
C GLY A 92 -45.62 25.70 5.82
N LYS A 93 -44.59 25.33 6.60
CA LYS A 93 -44.61 25.52 8.08
C LYS A 93 -43.56 26.56 8.60
N GLY A 94 -42.97 27.35 7.69
CA GLY A 94 -41.94 28.35 8.02
C GLY A 94 -40.49 27.89 8.27
N LEU A 95 -40.28 26.58 8.12
CA LEU A 95 -39.03 25.93 8.47
C LEU A 95 -37.79 26.43 7.76
N ALA A 96 -37.91 26.87 6.52
CA ALA A 96 -36.74 27.35 5.79
C ALA A 96 -36.17 28.62 6.42
N THR A 97 -37.07 29.52 6.76
CA THR A 97 -36.73 30.76 7.43
C THR A 97 -35.96 30.43 8.71
N ARG A 98 -36.60 29.62 9.54
CA ARG A 98 -36.00 29.12 10.76
C ARG A 98 -34.63 28.43 10.52
N ALA A 99 -34.50 27.71 9.41
CA ALA A 99 -33.21 27.07 9.14
C ALA A 99 -32.15 28.04 8.66
N ALA A 100 -32.50 28.97 7.78
CA ALA A 100 -31.52 29.98 7.41
C ALA A 100 -30.94 30.69 8.65
N LYS A 101 -31.84 31.06 9.58
CA LYS A 101 -31.40 31.76 10.78
C LYS A 101 -30.42 30.89 11.52
N LEU A 102 -30.74 29.60 11.61
CA LEU A 102 -29.88 28.69 12.39
C LEU A 102 -28.52 28.55 11.75
N ALA A 103 -28.56 28.43 10.44
CA ALA A 103 -27.37 28.45 9.62
C ALA A 103 -26.52 29.74 9.72
N MET A 104 -27.13 30.91 9.49
CA MET A 104 -26.44 32.21 9.67
C MET A 104 -25.83 32.29 11.09
N ASP A 105 -26.62 31.91 12.08
CA ASP A 105 -26.12 31.90 13.45
C ASP A 105 -24.85 31.07 13.52
N TYR A 106 -24.91 29.92 12.85
CA TYR A 106 -23.77 29.04 12.87
C TYR A 106 -22.50 29.68 12.28
N GLY A 107 -22.60 30.21 11.07
CA GLY A 107 -21.40 30.67 10.40
C GLY A 107 -20.93 31.97 10.99
N PHE A 108 -21.90 32.78 11.45
CA PHE A 108 -21.53 34.03 12.06
C PHE A 108 -21.08 33.94 13.50
N THR A 109 -21.70 33.10 14.32
CA THR A 109 -21.33 33.12 15.74
C THR A 109 -20.34 32.04 16.14
N VAL A 110 -20.34 30.95 15.37
CA VAL A 110 -19.46 29.83 15.67
C VAL A 110 -18.23 29.89 14.80
N LEU A 111 -18.43 30.12 13.50
CA LEU A 111 -17.35 29.97 12.56
C LEU A 111 -16.58 31.22 12.34
N ASN A 112 -17.07 32.33 12.91
CA ASN A 112 -16.44 33.61 12.78
C ASN A 112 -16.32 34.05 11.34
N LEU A 113 -17.36 33.80 10.57
CA LEU A 113 -17.29 34.25 9.21
C LEU A 113 -17.70 35.73 9.12
N TYR A 114 -17.16 36.40 8.10
CA TYR A 114 -17.54 37.71 7.72
C TYR A 114 -18.67 37.85 6.68
N LYS A 115 -18.83 36.85 5.79
CA LYS A 115 -19.79 36.94 4.71
C LYS A 115 -20.33 35.58 4.39
N LEU A 116 -21.65 35.48 4.34
CA LEU A 116 -22.38 34.33 3.90
C LEU A 116 -23.05 34.69 2.61
N TYR A 117 -23.19 33.72 1.71
CA TYR A 117 -23.83 33.95 0.44
C TYR A 117 -24.52 32.70 0.00
N LEU A 118 -25.49 32.85 -0.93
CA LEU A 118 -26.32 31.78 -1.45
C LEU A 118 -26.66 32.05 -2.92
N ILE A 119 -27.10 31.02 -3.62
CA ILE A 119 -27.44 31.08 -5.03
C ILE A 119 -28.81 30.50 -5.21
N VAL A 120 -29.71 31.31 -5.77
CA VAL A 120 -31.08 30.89 -6.00
C VAL A 120 -31.45 31.06 -7.43
N ASP A 121 -32.45 30.30 -7.84
CA ASP A 121 -33.02 30.50 -9.17
C ASP A 121 -33.71 31.89 -9.31
N LYS A 122 -33.37 32.64 -10.35
CA LYS A 122 -34.09 33.89 -10.62
C LYS A 122 -35.62 33.72 -10.57
N GLU A 123 -36.12 32.60 -11.07
CA GLU A 123 -37.54 32.31 -10.94
C GLU A 123 -38.02 31.87 -9.57
N ASN A 124 -37.10 31.66 -8.62
CA ASN A 124 -37.54 31.31 -7.28
C ASN A 124 -37.93 32.53 -6.42
N GLU A 125 -39.10 33.09 -6.74
CA GLU A 125 -39.58 34.35 -6.19
C GLU A 125 -39.95 34.23 -4.69
N LYS A 126 -40.44 33.06 -4.29
CA LYS A 126 -40.64 32.75 -2.88
C LYS A 126 -39.34 33.01 -2.09
N ALA A 127 -38.35 32.12 -2.27
CA ALA A 127 -37.13 32.11 -1.48
C ALA A 127 -36.44 33.43 -1.59
N ILE A 128 -36.28 33.93 -2.82
CA ILE A 128 -35.70 35.27 -3.00
C ILE A 128 -36.37 36.31 -2.10
N HIS A 129 -37.64 36.11 -1.78
CA HIS A 129 -38.30 37.02 -0.86
C HIS A 129 -37.85 36.75 0.57
N ILE A 130 -37.86 35.47 0.97
CA ILE A 130 -37.40 35.03 2.28
C ILE A 130 -36.02 35.57 2.68
N TYR A 131 -35.12 35.83 1.72
CA TYR A 131 -33.77 36.27 2.10
C TYR A 131 -33.58 37.77 2.18
N ARG A 132 -34.33 38.52 1.34
CA ARG A 132 -34.44 40.00 1.43
C ARG A 132 -35.01 40.35 2.84
N LYS A 133 -35.99 39.57 3.31
CA LYS A 133 -36.55 39.76 4.66
C LYS A 133 -35.42 39.66 5.63
N LEU A 134 -34.57 38.65 5.42
CA LEU A 134 -33.57 38.26 6.38
C LEU A 134 -32.34 39.15 6.39
N GLY A 135 -32.23 40.06 5.41
CA GLY A 135 -31.15 41.06 5.37
C GLY A 135 -30.29 40.99 4.12
N PHE A 136 -30.47 39.90 3.38
CA PHE A 136 -29.62 39.63 2.24
C PHE A 136 -29.91 40.65 1.17
N SER A 137 -28.88 41.01 0.45
CA SER A 137 -29.07 41.78 -0.71
C SER A 137 -28.47 41.04 -1.92
N VAL A 138 -28.85 41.47 -3.11
CA VAL A 138 -28.51 40.81 -4.35
C VAL A 138 -27.16 41.34 -4.74
N GLU A 139 -26.24 40.50 -5.16
CA GLU A 139 -24.94 41.02 -5.59
C GLU A 139 -24.52 40.54 -6.98
N GLY A 140 -25.29 39.63 -7.56
CA GLY A 140 -25.06 39.28 -8.96
C GLY A 140 -26.28 38.61 -9.57
N GLU A 141 -26.36 38.69 -10.90
CA GLU A 141 -27.33 37.89 -11.63
C GLU A 141 -26.57 36.97 -12.54
N LEU A 142 -26.46 35.72 -12.12
CA LEU A 142 -25.60 34.79 -12.84
C LEU A 142 -26.37 34.33 -14.07
N MET A 143 -25.91 34.72 -15.25
CA MET A 143 -26.75 34.45 -16.36
C MET A 143 -26.52 33.14 -17.13
N HIS A 144 -27.59 32.37 -17.22
CA HIS A 144 -27.52 31.04 -17.80
C HIS A 144 -26.39 30.29 -17.08
N GLU A 145 -26.43 30.32 -15.74
CA GLU A 145 -25.32 29.73 -15.02
C GLU A 145 -25.52 28.23 -14.93
N PHE A 146 -26.73 27.73 -15.10
CA PHE A 146 -27.00 26.33 -14.90
C PHE A 146 -27.90 25.85 -16.01
N PHE A 147 -27.56 24.71 -16.59
CA PHE A 147 -28.51 24.04 -17.43
C PHE A 147 -29.32 23.10 -16.58
N ILE A 148 -30.58 23.46 -16.39
CA ILE A 148 -31.53 22.69 -15.64
C ILE A 148 -32.76 22.40 -16.48
N ASN A 149 -33.23 21.17 -16.34
CA ASN A 149 -34.44 20.68 -16.97
C ASN A 149 -34.73 21.17 -18.40
N GLY A 150 -33.72 21.22 -19.27
CA GLY A 150 -33.97 21.57 -20.65
C GLY A 150 -33.59 22.97 -21.04
N GLN A 151 -33.34 23.85 -20.08
CA GLN A 151 -32.95 25.21 -20.48
C GLN A 151 -32.04 25.79 -19.44
N TYR A 152 -31.25 26.77 -19.85
CA TYR A 152 -30.36 27.47 -18.93
C TYR A 152 -31.13 28.40 -18.05
N ARG A 153 -30.62 28.57 -16.84
CA ARG A 153 -31.27 29.36 -15.83
C ARG A 153 -30.36 30.44 -15.35
N ASN A 154 -30.98 31.39 -14.68
CA ASN A 154 -30.25 32.44 -14.10
C ASN A 154 -30.27 32.22 -12.61
N ALA A 155 -29.17 32.52 -11.97
CA ALA A 155 -29.06 32.35 -10.52
C ALA A 155 -28.83 33.72 -9.92
N ILE A 156 -29.51 33.97 -8.79
CA ILE A 156 -29.30 35.20 -8.03
C ILE A 156 -28.34 34.88 -6.90
N ARG A 157 -27.21 35.55 -6.92
CA ARG A 157 -26.33 35.49 -5.80
C ARG A 157 -26.73 36.55 -4.75
N MET A 158 -27.03 36.11 -3.55
CA MET A 158 -27.40 36.99 -2.47
C MET A 158 -26.50 36.75 -1.25
N CYS A 159 -26.11 37.86 -0.59
CA CYS A 159 -25.25 37.85 0.54
C CYS A 159 -25.72 38.69 1.79
N ILE A 160 -25.14 38.39 2.94
CA ILE A 160 -25.36 39.11 4.19
C ILE A 160 -24.03 39.11 4.96
N PHE A 161 -23.80 40.15 5.76
CA PHE A 161 -22.55 40.28 6.46
C PHE A 161 -22.73 40.10 7.95
N GLN A 162 -21.63 39.71 8.60
CA GLN A 162 -21.61 39.41 10.04
C GLN A 162 -22.10 40.58 10.87
N HIS A 163 -21.62 41.79 10.56
CA HIS A 163 -22.01 42.98 11.31
C HIS A 163 -23.53 43.11 11.26
N GLN A 164 -24.13 42.95 10.08
CA GLN A 164 -25.59 43.02 9.93
C GLN A 164 -26.24 42.05 10.91
N TYR A 165 -25.93 40.77 10.73
CA TYR A 165 -26.53 39.73 11.53
C TYR A 165 -26.30 39.90 13.02
N LEU A 166 -25.08 40.21 13.42
CA LEU A 166 -24.79 40.22 14.85
C LEU A 166 -25.60 41.33 15.49
N ALA A 167 -25.59 42.48 14.82
CA ALA A 167 -26.21 43.72 15.31
C ALA A 167 -27.70 43.53 15.52
N GLU A 168 -28.30 42.79 14.59
CA GLU A 168 -29.75 42.59 14.52
C GLU A 168 -30.31 41.57 15.54
N HIS A 169 -29.85 40.32 15.50
CA HIS A 169 -30.24 39.29 16.48
C HIS A 169 -29.22 39.27 17.65
N LYS A 170 -29.05 40.42 18.32
CA LYS A 170 -28.29 40.55 19.60
C LYS A 170 -29.15 40.20 20.85
N HIS B 1 -12.89 -48.35 12.31
CA HIS B 1 -12.26 -49.24 11.28
C HIS B 1 -11.89 -48.54 9.92
N SER B 2 -12.45 -47.37 9.63
CA SER B 2 -12.14 -46.69 8.35
C SER B 2 -11.12 -45.51 8.46
N VAL B 3 -10.13 -45.46 7.58
CA VAL B 3 -9.03 -44.46 7.72
C VAL B 3 -8.68 -43.66 6.44
N LYS B 4 -8.72 -42.32 6.55
CA LYS B 4 -8.56 -41.41 5.41
C LYS B 4 -7.61 -40.27 5.73
N LEU B 5 -7.02 -39.71 4.67
CA LEU B 5 -6.39 -38.40 4.69
C LEU B 5 -7.27 -37.36 3.96
N ARG B 6 -7.35 -36.14 4.50
CA ARG B 6 -7.92 -34.97 3.76
C ARG B 6 -7.10 -33.69 4.02
N PRO B 7 -7.34 -32.63 3.26
CA PRO B 7 -6.42 -31.50 3.58
C PRO B 7 -6.69 -30.80 4.93
N LEU B 8 -5.65 -30.24 5.54
CA LEU B 8 -5.82 -29.35 6.70
C LEU B 8 -6.59 -28.10 6.25
N GLU B 9 -7.85 -28.03 6.67
CA GLU B 9 -8.70 -26.88 6.42
C GLU B 9 -8.63 -25.84 7.56
N ARG B 10 -8.82 -24.59 7.18
CA ARG B 10 -9.08 -23.50 8.11
C ARG B 10 -9.97 -23.89 9.31
N GLU B 11 -11.02 -24.64 9.09
CA GLU B 11 -11.85 -24.97 10.21
C GLU B 11 -11.39 -26.16 11.04
N ASP B 12 -10.27 -26.77 10.70
CA ASP B 12 -9.61 -27.77 11.56
C ASP B 12 -8.61 -27.15 12.55
N LEU B 13 -8.50 -25.84 12.58
CA LEU B 13 -7.37 -25.21 13.20
C LEU B 13 -7.43 -25.22 14.72
N ARG B 14 -8.64 -25.15 15.30
CA ARG B 14 -8.76 -25.27 16.74
C ARG B 14 -8.33 -26.67 17.21
N TYR B 15 -8.53 -27.68 16.38
CA TYR B 15 -8.08 -29.02 16.71
C TYR B 15 -6.55 -29.07 16.62
N VAL B 16 -5.97 -28.43 15.62
CA VAL B 16 -4.51 -28.34 15.61
C VAL B 16 -3.94 -27.56 16.80
N HIS B 17 -4.68 -26.59 17.32
CA HIS B 17 -4.16 -25.60 18.31
C HIS B 17 -4.05 -26.33 19.67
N GLN B 18 -4.94 -27.29 19.85
CA GLN B 18 -4.94 -28.10 21.06
C GLN B 18 -3.71 -29.04 21.05
N LEU B 19 -3.51 -29.75 19.96
CA LEU B 19 -2.37 -30.62 19.90
C LEU B 19 -1.09 -29.85 20.01
N ASP B 20 -1.00 -28.68 19.34
CA ASP B 20 0.23 -27.89 19.33
C ASP B 20 0.55 -27.29 20.69
N ASN B 21 -0.37 -27.37 21.66
CA ASN B 21 -0.09 -26.92 23.04
C ASN B 21 0.06 -28.11 24.01
N ASN B 22 -0.01 -29.32 23.46
CA ASN B 22 0.13 -30.52 24.24
C ASN B 22 1.61 -30.97 24.23
N ALA B 23 2.29 -30.74 25.38
CA ALA B 23 3.75 -30.91 25.49
C ALA B 23 4.25 -32.37 25.31
N SER B 24 3.50 -33.35 25.79
CA SER B 24 3.93 -34.74 25.58
C SER B 24 3.97 -35.10 24.08
N VAL B 25 3.00 -34.58 23.32
CA VAL B 25 2.93 -34.78 21.90
C VAL B 25 3.97 -33.97 21.14
N MET B 26 4.16 -32.70 21.51
CA MET B 26 4.99 -31.79 20.68
C MET B 26 6.47 -32.09 20.79
N ARG B 27 6.85 -32.63 21.94
CA ARG B 27 8.19 -33.14 22.16
C ARG B 27 8.58 -34.17 21.07
N TYR B 28 7.64 -34.97 20.59
CA TYR B 28 7.93 -35.86 19.47
C TYR B 28 8.11 -35.25 18.07
N TRP B 29 7.67 -34.00 17.88
CA TRP B 29 8.05 -33.25 16.68
C TRP B 29 9.19 -32.25 16.89
N PHE B 30 9.83 -32.28 18.06
CA PHE B 30 10.93 -31.34 18.38
C PHE B 30 10.52 -29.86 18.32
N GLU B 31 9.28 -29.63 18.72
CA GLU B 31 8.61 -28.36 18.45
C GLU B 31 8.27 -27.72 19.77
N GLU B 32 8.63 -26.46 19.95
CA GLU B 32 8.29 -25.79 21.21
C GLU B 32 6.76 -25.87 21.47
N PRO B 33 6.32 -26.29 22.66
CA PRO B 33 4.88 -26.46 22.85
C PRO B 33 4.10 -25.16 23.18
N TYR B 34 4.20 -24.14 22.36
CA TYR B 34 3.55 -22.89 22.70
C TYR B 34 3.00 -22.28 21.43
N GLU B 35 1.68 -22.12 21.40
CA GLU B 35 1.10 -21.53 20.24
C GLU B 35 -0.19 -20.83 20.49
N ALA B 36 -0.19 -19.50 20.40
CA ALA B 36 -1.46 -18.76 20.42
C ALA B 36 -2.20 -19.09 19.13
N PHE B 37 -3.49 -19.29 19.26
CA PHE B 37 -4.35 -19.42 18.09
C PHE B 37 -4.12 -18.41 16.95
N VAL B 38 -3.97 -17.13 17.26
CA VAL B 38 -3.78 -16.19 16.22
C VAL B 38 -2.45 -16.39 15.51
N GLU B 39 -1.50 -17.05 16.15
CA GLU B 39 -0.22 -17.28 15.48
C GLU B 39 -0.41 -18.43 14.48
N LEU B 40 -1.07 -19.50 14.93
CA LEU B 40 -1.34 -20.66 14.08
C LEU B 40 -2.06 -20.14 12.83
N SER B 41 -3.15 -19.42 13.08
CA SER B 41 -4.05 -18.86 12.07
C SER B 41 -3.31 -18.06 11.03
N ASP B 42 -2.46 -17.10 11.46
CA ASP B 42 -1.68 -16.30 10.56
C ASP B 42 -0.70 -17.07 9.77
N LEU B 43 -0.10 -18.10 10.38
CA LEU B 43 0.90 -18.93 9.68
C LEU B 43 0.23 -19.88 8.69
N TYR B 44 -0.94 -20.39 9.04
CA TYR B 44 -1.69 -21.16 8.08
C TYR B 44 -1.99 -20.26 6.84
N ASP B 45 -2.47 -19.03 7.07
CA ASP B 45 -2.78 -18.15 5.96
C ASP B 45 -1.53 -17.89 5.19
N LYS B 46 -0.43 -17.70 5.89
CA LYS B 46 0.75 -17.31 5.12
C LYS B 46 1.13 -18.45 4.14
N HIS B 47 0.81 -19.69 4.51
CA HIS B 47 1.29 -20.80 3.73
C HIS B 47 0.31 -21.42 2.68
N ILE B 48 -0.85 -20.79 2.49
CA ILE B 48 -1.95 -21.36 1.73
C ILE B 48 -1.44 -21.78 0.34
N HIS B 49 -0.66 -20.89 -0.29
CA HIS B 49 -0.12 -21.11 -1.61
C HIS B 49 1.30 -21.64 -1.57
N ASP B 50 1.76 -22.10 -0.41
CA ASP B 50 3.12 -22.59 -0.33
C ASP B 50 3.12 -24.00 -0.94
N GLN B 51 3.73 -24.16 -2.11
CA GLN B 51 3.68 -25.49 -2.79
C GLN B 51 4.71 -26.50 -2.19
N SER B 52 5.52 -26.01 -1.24
CA SER B 52 6.53 -26.84 -0.59
C SER B 52 6.01 -27.68 0.58
N GLU B 53 4.71 -27.71 0.81
CA GLU B 53 4.17 -28.57 1.87
C GLU B 53 2.77 -29.07 1.53
N ARG B 54 2.27 -30.02 2.31
CA ARG B 54 0.90 -30.44 2.21
C ARG B 54 0.65 -30.98 3.57
N ARG B 55 -0.40 -30.45 4.19
CA ARG B 55 -0.80 -30.80 5.49
C ARG B 55 -2.13 -31.53 5.40
N PHE B 56 -2.27 -32.62 6.16
CA PHE B 56 -3.45 -33.45 6.15
C PHE B 56 -3.91 -33.66 7.54
N VAL B 57 -5.21 -33.88 7.66
CA VAL B 57 -5.85 -34.38 8.86
C VAL B 57 -6.01 -35.88 8.68
N VAL B 58 -5.81 -36.65 9.77
CA VAL B 58 -6.11 -38.05 9.76
C VAL B 58 -7.52 -38.27 10.25
N GLU B 59 -8.39 -38.86 9.42
CA GLU B 59 -9.73 -39.27 9.90
C GLU B 59 -9.82 -40.77 10.17
N CYS B 60 -10.49 -41.11 11.24
CA CYS B 60 -10.82 -42.48 11.58
C CYS B 60 -12.30 -42.49 11.72
N ASP B 61 -13.00 -43.08 10.76
CA ASP B 61 -14.48 -43.18 10.78
C ASP B 61 -15.12 -41.84 10.86
N GLY B 62 -14.62 -40.92 10.04
CA GLY B 62 -15.20 -39.60 10.00
C GLY B 62 -14.81 -38.69 11.15
N GLU B 63 -13.87 -39.12 12.01
CA GLU B 63 -13.39 -38.29 13.13
C GLU B 63 -11.94 -37.83 13.01
N LYS B 64 -11.67 -36.57 13.41
CA LYS B 64 -10.30 -36.11 13.51
C LYS B 64 -9.51 -37.01 14.49
N ALA B 65 -8.45 -37.64 14.00
CA ALA B 65 -7.73 -38.63 14.78
C ALA B 65 -6.29 -38.22 14.90
N GLY B 66 -5.84 -37.39 13.96
CA GLY B 66 -4.45 -36.97 13.95
C GLY B 66 -4.03 -36.17 12.72
N LEU B 67 -2.73 -35.98 12.58
CA LEU B 67 -2.18 -35.09 11.60
C LEU B 67 -1.01 -35.80 10.95
N VAL B 68 -0.87 -35.61 9.65
CA VAL B 68 0.27 -36.10 8.92
C VAL B 68 0.61 -35.00 7.99
N GLU B 69 1.88 -34.83 7.72
CA GLU B 69 2.33 -33.70 6.92
C GLU B 69 3.48 -34.18 6.12
N LEU B 70 3.56 -33.70 4.88
CA LEU B 70 4.78 -33.68 4.10
C LEU B 70 5.22 -32.24 4.05
N VAL B 71 6.51 -31.97 4.29
CA VAL B 71 7.04 -30.60 4.28
C VAL B 71 8.42 -30.58 3.62
N GLU B 72 8.89 -29.39 3.29
CA GLU B 72 10.21 -29.21 2.67
C GLU B 72 10.28 -29.99 1.39
N ILE B 73 9.10 -30.28 0.84
CA ILE B 73 8.99 -30.84 -0.49
C ILE B 73 9.92 -30.11 -1.43
N ASN B 74 11.03 -30.73 -1.84
CA ASN B 74 12.01 -30.14 -2.76
C ASN B 74 11.97 -30.90 -4.08
N HIS B 75 11.52 -30.25 -5.15
CA HIS B 75 11.18 -31.06 -6.32
C HIS B 75 12.35 -31.34 -7.28
N VAL B 76 13.38 -30.51 -7.29
CA VAL B 76 14.55 -30.82 -8.07
C VAL B 76 15.23 -32.09 -7.55
N HIS B 77 15.46 -32.14 -6.25
CA HIS B 77 16.03 -33.31 -5.58
C HIS B 77 14.95 -34.36 -5.27
N ARG B 78 13.71 -34.05 -5.61
CA ARG B 78 12.59 -34.96 -5.40
C ARG B 78 12.54 -35.60 -4.02
N ARG B 79 12.64 -34.79 -2.97
CA ARG B 79 12.37 -35.28 -1.62
C ARG B 79 11.47 -34.41 -0.77
N ALA B 80 10.93 -35.02 0.29
CA ALA B 80 10.24 -34.29 1.33
C ALA B 80 10.48 -34.95 2.67
N GLU B 81 10.14 -34.25 3.75
CA GLU B 81 10.22 -34.78 5.09
C GLU B 81 8.83 -35.08 5.48
N PHE B 82 8.66 -36.12 6.29
CA PHE B 82 7.36 -36.66 6.68
C PHE B 82 7.20 -36.55 8.22
N GLN B 83 6.01 -36.20 8.73
CA GLN B 83 5.78 -36.22 10.17
C GLN B 83 4.36 -36.58 10.42
N ILE B 84 4.12 -37.20 11.56
CA ILE B 84 2.80 -37.65 11.93
C ILE B 84 2.53 -37.47 13.43
N ILE B 85 1.31 -37.13 13.78
CA ILE B 85 0.86 -37.19 15.13
C ILE B 85 -0.45 -37.95 15.15
N ILE B 86 -0.62 -38.88 16.10
CA ILE B 86 -1.96 -39.40 16.34
C ILE B 86 -2.40 -38.93 17.70
N SER B 87 -3.60 -38.37 17.74
CA SER B 87 -4.17 -37.91 18.97
C SER B 87 -4.05 -38.95 20.09
N PRO B 88 -3.73 -38.52 21.33
CA PRO B 88 -3.65 -39.42 22.50
C PRO B 88 -4.82 -40.42 22.64
N GLU B 89 -6.05 -39.92 22.71
CA GLU B 89 -7.20 -40.80 22.82
C GLU B 89 -7.44 -41.74 21.60
N TYR B 90 -6.70 -41.52 20.50
CA TYR B 90 -6.81 -42.38 19.30
C TYR B 90 -5.58 -43.25 19.12
N GLN B 91 -4.68 -43.16 20.10
CA GLN B 91 -3.44 -43.94 20.08
C GLN B 91 -3.62 -45.42 20.41
N GLY B 92 -2.62 -46.21 20.03
CA GLY B 92 -2.65 -47.66 20.25
C GLY B 92 -3.70 -48.49 19.48
N LYS B 93 -4.38 -47.89 18.50
CA LYS B 93 -5.39 -48.61 17.69
C LYS B 93 -4.91 -48.94 16.28
N GLY B 94 -3.63 -48.78 16.01
CA GLY B 94 -3.09 -49.10 14.70
C GLY B 94 -3.02 -47.95 13.68
N LEU B 95 -3.48 -46.77 14.07
CA LEU B 95 -3.63 -45.71 13.06
C LEU B 95 -2.34 -45.07 12.58
N ALA B 96 -1.34 -44.96 13.44
CA ALA B 96 -0.11 -44.38 12.96
C ALA B 96 0.32 -45.07 11.68
N THR B 97 0.31 -46.42 11.71
CA THR B 97 0.78 -47.26 10.58
C THR B 97 -0.04 -46.97 9.32
N ARG B 98 -1.35 -46.91 9.49
CA ARG B 98 -2.18 -46.61 8.34
C ARG B 98 -1.87 -45.26 7.72
N ALA B 99 -1.91 -44.21 8.54
CA ALA B 99 -1.81 -42.87 8.03
C ALA B 99 -0.43 -42.70 7.49
N ALA B 100 0.55 -43.25 8.18
CA ALA B 100 1.84 -43.26 7.59
C ALA B 100 1.82 -43.78 6.13
N LYS B 101 1.24 -44.98 5.85
CA LYS B 101 1.35 -45.51 4.47
C LYS B 101 0.51 -44.69 3.53
N LEU B 102 -0.64 -44.24 4.04
CA LEU B 102 -1.49 -43.30 3.27
C LEU B 102 -0.66 -42.10 2.77
N ALA B 103 0.21 -41.60 3.64
CA ALA B 103 1.00 -40.42 3.40
C ALA B 103 2.15 -40.68 2.46
N MET B 104 2.84 -41.80 2.70
CA MET B 104 3.88 -42.29 1.83
C MET B 104 3.30 -42.58 0.44
N ASP B 105 2.15 -43.21 0.40
CA ASP B 105 1.46 -43.39 -0.87
C ASP B 105 1.36 -42.07 -1.63
N TYR B 106 0.98 -41.03 -0.89
CA TYR B 106 0.86 -39.70 -1.45
C TYR B 106 2.16 -39.14 -1.98
N GLY B 107 3.22 -39.21 -1.20
CA GLY B 107 4.49 -38.64 -1.65
C GLY B 107 5.00 -39.38 -2.89
N PHE B 108 4.77 -40.69 -2.88
CA PHE B 108 5.30 -41.56 -3.93
C PHE B 108 4.46 -41.71 -5.16
N THR B 109 3.14 -41.82 -4.99
CA THR B 109 2.28 -41.99 -6.15
C THR B 109 1.66 -40.68 -6.71
N VAL B 110 1.59 -39.61 -5.88
CA VAL B 110 0.98 -38.34 -6.31
C VAL B 110 2.00 -37.26 -6.59
N LEU B 111 2.87 -37.00 -5.61
CA LEU B 111 3.89 -35.94 -5.71
C LEU B 111 5.15 -36.34 -6.44
N ASN B 112 5.23 -37.65 -6.81
CA ASN B 112 6.32 -38.18 -7.61
C ASN B 112 7.69 -37.96 -6.95
N LEU B 113 7.77 -38.06 -5.64
CA LEU B 113 9.08 -37.85 -5.00
C LEU B 113 9.93 -39.11 -5.10
N TYR B 114 11.25 -38.95 -4.92
CA TYR B 114 12.20 -40.03 -5.04
C TYR B 114 12.53 -40.57 -3.70
N LYS B 115 12.53 -39.69 -2.71
CA LYS B 115 12.97 -40.02 -1.35
C LYS B 115 12.07 -39.32 -0.35
N LEU B 116 11.64 -40.06 0.65
CA LEU B 116 10.95 -39.53 1.77
C LEU B 116 11.83 -39.78 2.99
N TYR B 117 11.97 -38.79 3.89
CA TYR B 117 12.74 -39.01 5.14
C TYR B 117 12.06 -38.43 6.33
N LEU B 118 12.62 -38.74 7.51
CA LEU B 118 11.96 -38.44 8.75
C LEU B 118 12.97 -38.43 9.91
N ILE B 119 12.69 -37.60 10.93
CA ILE B 119 13.49 -37.49 12.12
C ILE B 119 12.67 -38.09 13.26
N VAL B 120 13.29 -38.96 14.05
CA VAL B 120 12.66 -39.52 15.25
C VAL B 120 13.62 -39.35 16.38
N ASP B 121 13.08 -39.21 17.58
CA ASP B 121 13.89 -39.27 18.79
C ASP B 121 14.48 -40.68 19.02
N LYS B 122 15.79 -40.76 19.29
CA LYS B 122 16.46 -42.06 19.47
C LYS B 122 15.81 -43.00 20.52
N GLU B 123 14.92 -42.45 21.34
CA GLU B 123 14.26 -43.18 22.41
C GLU B 123 12.78 -43.41 22.17
N ASN B 124 12.32 -43.10 20.98
CA ASN B 124 10.92 -43.27 20.70
C ASN B 124 10.85 -44.57 19.86
N GLU B 125 10.96 -45.69 20.56
CA GLU B 125 11.17 -46.98 19.88
C GLU B 125 9.87 -47.51 19.26
N LYS B 126 8.73 -47.19 19.87
CA LYS B 126 7.45 -47.36 19.21
C LYS B 126 7.58 -46.90 17.74
N ALA B 127 7.71 -45.60 17.56
CA ALA B 127 7.74 -44.98 16.24
C ALA B 127 8.79 -45.65 15.40
N ILE B 128 10.02 -45.71 15.91
CA ILE B 128 11.09 -46.40 15.18
C ILE B 128 10.69 -47.83 14.73
N HIS B 129 9.89 -48.51 15.54
CA HIS B 129 9.40 -49.83 15.17
C HIS B 129 8.48 -49.68 13.97
N ILE B 130 7.48 -48.82 14.11
CA ILE B 130 6.53 -48.54 13.05
C ILE B 130 7.24 -48.20 11.73
N TYR B 131 8.26 -47.36 11.80
CA TYR B 131 8.89 -46.93 10.57
C TYR B 131 9.77 -48.01 9.98
N ARG B 132 10.36 -48.85 10.83
CA ARG B 132 11.16 -49.99 10.34
C ARG B 132 10.24 -51.00 9.70
N LYS B 133 9.30 -51.50 10.48
CA LYS B 133 8.23 -52.33 9.96
C LYS B 133 7.87 -51.87 8.53
N LEU B 134 7.57 -50.56 8.39
CA LEU B 134 7.16 -49.93 7.12
C LEU B 134 8.15 -49.77 5.97
N GLY B 135 9.43 -50.03 6.19
CA GLY B 135 10.40 -49.97 5.10
C GLY B 135 11.52 -48.97 5.27
N PHE B 136 11.39 -48.10 6.27
CA PHE B 136 12.36 -47.03 6.47
C PHE B 136 13.68 -47.56 6.96
N SER B 137 14.78 -47.02 6.47
CA SER B 137 16.01 -47.41 7.04
C SER B 137 16.79 -46.24 7.71
N VAL B 138 17.45 -46.51 8.84
CA VAL B 138 18.31 -45.52 9.50
C VAL B 138 19.38 -45.01 8.54
N GLU B 139 19.65 -43.71 8.51
CA GLU B 139 20.76 -43.15 7.70
C GLU B 139 21.66 -42.16 8.48
N GLY B 140 21.28 -41.84 9.69
CA GLY B 140 22.08 -40.92 10.47
C GLY B 140 21.65 -40.85 11.91
N GLU B 141 22.57 -40.43 12.74
CA GLU B 141 22.19 -40.10 14.09
C GLU B 141 22.77 -38.72 14.33
N LEU B 142 21.85 -37.78 14.43
CA LEU B 142 22.16 -36.38 14.70
C LEU B 142 22.40 -36.30 16.19
N MET B 143 23.65 -36.11 16.58
CA MET B 143 23.89 -36.03 18.03
C MET B 143 23.56 -34.65 18.60
N HIS B 144 22.73 -34.66 19.64
CA HIS B 144 22.36 -33.47 20.38
C HIS B 144 21.78 -32.42 19.42
N GLU B 145 20.87 -32.88 18.54
CA GLU B 145 20.23 -32.02 17.53
C GLU B 145 19.17 -31.11 18.17
N PHE B 146 18.57 -31.56 19.28
CA PHE B 146 17.48 -30.84 19.89
C PHE B 146 17.60 -30.75 21.39
N PHE B 147 17.36 -29.57 21.95
CA PHE B 147 17.25 -29.47 23.36
C PHE B 147 15.78 -29.52 23.64
N ILE B 148 15.37 -30.61 24.25
CA ILE B 148 13.98 -30.82 24.56
C ILE B 148 13.81 -31.24 26.01
N ASN B 149 12.81 -30.62 26.63
CA ASN B 149 12.51 -30.79 28.02
C ASN B 149 13.69 -31.00 28.92
N GLY B 150 14.66 -30.11 28.86
CA GLY B 150 15.66 -30.09 29.90
C GLY B 150 16.98 -30.69 29.49
N GLN B 151 17.02 -31.36 28.34
CA GLN B 151 18.28 -31.93 27.88
C GLN B 151 18.37 -32.09 26.39
N TYR B 152 19.60 -32.12 25.91
CA TYR B 152 19.86 -32.48 24.53
C TYR B 152 19.42 -33.90 24.25
N ARG B 153 19.06 -34.14 23.00
N ARG B 153 19.12 -34.14 22.99
CA ARG B 153 18.38 -35.35 22.60
CA ARG B 153 18.46 -35.35 22.58
C ARG B 153 18.93 -35.69 21.23
C ARG B 153 18.98 -35.69 21.22
N ASN B 154 18.96 -36.99 20.90
CA ASN B 154 19.54 -37.44 19.63
C ASN B 154 18.46 -37.82 18.72
N ALA B 155 18.58 -37.41 17.48
CA ALA B 155 17.54 -37.69 16.54
C ALA B 155 18.10 -38.67 15.54
N ILE B 156 17.26 -39.63 15.14
CA ILE B 156 17.60 -40.58 14.10
C ILE B 156 16.91 -40.12 12.82
N ARG B 157 17.69 -39.81 11.78
CA ARG B 157 17.19 -39.67 10.41
C ARG B 157 16.92 -41.01 9.66
N MET B 158 15.66 -41.30 9.34
CA MET B 158 15.32 -42.49 8.55
C MET B 158 14.74 -42.14 7.18
N CYS B 159 15.12 -42.88 6.13
CA CYS B 159 14.53 -42.70 4.80
C CYS B 159 13.90 -43.92 4.18
N ILE B 160 13.25 -43.70 3.04
CA ILE B 160 12.72 -44.73 2.15
C ILE B 160 12.72 -44.17 0.69
N PHE B 161 12.79 -45.03 -0.32
CA PHE B 161 12.80 -44.59 -1.73
C PHE B 161 11.58 -45.04 -2.49
N GLN B 162 11.27 -44.29 -3.55
CA GLN B 162 10.10 -44.55 -4.38
C GLN B 162 10.13 -46.02 -4.87
N HIS B 163 11.23 -46.42 -5.51
CA HIS B 163 11.33 -47.77 -6.04
C HIS B 163 11.08 -48.81 -4.94
N GLN B 164 11.64 -48.60 -3.75
CA GLN B 164 11.33 -49.44 -2.60
C GLN B 164 9.88 -49.48 -2.23
N TYR B 165 9.19 -48.33 -2.24
CA TYR B 165 7.83 -48.34 -1.78
C TYR B 165 6.91 -48.90 -2.86
N LEU B 166 7.18 -48.54 -4.11
CA LEU B 166 6.32 -48.96 -5.16
C LEU B 166 6.48 -50.47 -5.40
N ALA B 167 7.74 -50.94 -5.43
CA ALA B 167 8.06 -52.39 -5.34
C ALA B 167 7.20 -53.13 -4.34
N GLU B 168 7.20 -52.63 -3.11
CA GLU B 168 6.59 -53.34 -2.01
C GLU B 168 5.06 -53.22 -2.01
N HIS B 169 4.48 -52.34 -2.84
CA HIS B 169 3.00 -52.13 -2.81
C HIS B 169 2.18 -52.27 -4.14
N LYS B 170 2.83 -52.43 -5.29
CA LYS B 170 2.19 -53.14 -6.45
C LYS B 170 2.85 -54.50 -6.76
N HIS C 1 5.94 39.92 -31.66
CA HIS C 1 4.83 40.03 -32.62
C HIS C 1 3.99 38.72 -32.73
N SER C 2 4.61 37.55 -32.88
CA SER C 2 3.81 36.29 -32.84
C SER C 2 3.52 35.80 -31.40
N VAL C 3 2.27 35.40 -31.15
CA VAL C 3 1.81 35.05 -29.80
C VAL C 3 1.01 33.75 -29.72
N LYS C 4 1.49 32.77 -28.94
CA LYS C 4 0.81 31.46 -28.85
C LYS C 4 0.51 30.91 -27.45
N LEU C 5 -0.36 29.92 -27.41
CA LEU C 5 -0.52 29.13 -26.20
C LEU C 5 0.10 27.73 -26.36
N ARG C 6 0.70 27.28 -25.26
CA ARG C 6 1.09 25.88 -25.09
C ARG C 6 0.87 25.38 -23.66
N PRO C 7 0.84 24.05 -23.47
CA PRO C 7 0.54 23.55 -22.10
C PRO C 7 1.61 23.88 -21.10
N LEU C 8 1.21 24.10 -19.85
CA LEU C 8 2.17 24.22 -18.73
C LEU C 8 2.81 22.86 -18.53
N GLU C 9 4.12 22.80 -18.77
CA GLU C 9 4.93 21.61 -18.60
C GLU C 9 5.63 21.62 -17.24
N ARG C 10 6.01 20.44 -16.79
CA ARG C 10 6.82 20.28 -15.56
C ARG C 10 8.04 21.23 -15.60
N GLU C 11 8.71 21.26 -16.72
CA GLU C 11 9.91 22.09 -16.87
C GLU C 11 9.61 23.59 -16.92
N ASP C 12 8.31 23.97 -16.88
CA ASP C 12 7.95 25.38 -16.76
C ASP C 12 7.68 25.86 -15.34
N LEU C 13 7.73 24.94 -14.37
CA LEU C 13 7.33 25.26 -13.03
C LEU C 13 8.20 26.27 -12.31
N ARG C 14 9.48 26.28 -12.59
CA ARG C 14 10.38 27.32 -12.08
C ARG C 14 9.89 28.73 -12.47
N TYR C 15 9.41 28.89 -13.69
CA TYR C 15 8.86 30.17 -14.10
C TYR C 15 7.58 30.49 -13.32
N VAL C 16 6.68 29.52 -13.20
CA VAL C 16 5.47 29.77 -12.41
C VAL C 16 5.77 30.16 -10.98
N HIS C 17 6.84 29.60 -10.42
CA HIS C 17 7.14 29.74 -9.00
C HIS C 17 7.50 31.21 -8.70
N GLN C 18 8.19 31.85 -9.64
CA GLN C 18 8.58 33.22 -9.50
C GLN C 18 7.30 34.11 -9.51
N LEU C 19 6.43 33.91 -10.49
CA LEU C 19 5.21 34.71 -10.55
C LEU C 19 4.41 34.52 -9.30
N ASP C 20 4.19 33.25 -8.94
CA ASP C 20 3.32 32.90 -7.80
C ASP C 20 3.85 33.47 -6.44
N ASN C 21 5.08 34.03 -6.40
CA ASN C 21 5.61 34.71 -5.18
C ASN C 21 5.71 36.26 -5.32
N ASN C 22 5.20 36.79 -6.41
CA ASN C 22 5.23 38.19 -6.71
C ASN C 22 3.89 38.78 -6.26
N ALA C 23 3.90 39.50 -5.15
CA ALA C 23 2.64 39.92 -4.53
C ALA C 23 1.80 40.85 -5.42
N SER C 24 2.50 41.75 -6.13
CA SER C 24 1.89 42.66 -7.12
C SER C 24 1.10 41.92 -8.19
N VAL C 25 1.65 40.79 -8.65
CA VAL C 25 1.01 39.94 -9.66
C VAL C 25 -0.06 39.03 -9.06
N MET C 26 0.24 38.39 -7.93
CA MET C 26 -0.69 37.43 -7.35
C MET C 26 -1.96 38.07 -6.82
N ARG C 27 -1.85 39.32 -6.36
CA ARG C 27 -3.01 40.11 -5.91
C ARG C 27 -4.11 40.26 -6.98
N TYR C 28 -3.74 40.30 -8.27
CA TYR C 28 -4.70 40.31 -9.41
C TYR C 28 -5.50 39.02 -9.56
N TRP C 29 -4.89 37.88 -9.21
CA TRP C 29 -5.60 36.60 -9.18
C TRP C 29 -6.26 36.34 -7.84
N PHE C 30 -6.14 37.32 -6.93
CA PHE C 30 -6.66 37.16 -5.57
C PHE C 30 -6.00 35.97 -4.87
N GLU C 31 -4.77 35.64 -5.28
CA GLU C 31 -4.07 34.44 -4.79
C GLU C 31 -3.08 34.90 -3.74
N GLU C 32 -3.10 34.28 -2.57
CA GLU C 32 -2.05 34.47 -1.56
C GLU C 32 -0.61 34.34 -2.16
N PRO C 33 0.21 35.39 -2.03
CA PRO C 33 1.51 35.38 -2.72
C PRO C 33 2.62 34.55 -2.00
N TYR C 34 2.37 33.27 -1.75
CA TYR C 34 3.34 32.43 -1.01
C TYR C 34 3.29 31.03 -1.60
N GLU C 35 4.42 30.55 -2.11
CA GLU C 35 4.44 29.19 -2.62
C GLU C 35 5.82 28.56 -2.58
N ALA C 36 6.02 27.58 -1.71
CA ALA C 36 7.24 26.80 -1.83
C ALA C 36 7.20 25.99 -3.12
N PHE C 37 8.32 25.88 -3.81
CA PHE C 37 8.38 25.05 -5.01
C PHE C 37 7.75 23.66 -4.88
N VAL C 38 8.00 22.98 -3.76
CA VAL C 38 7.57 21.60 -3.58
C VAL C 38 6.09 21.55 -3.46
N GLU C 39 5.50 22.65 -3.04
CA GLU C 39 4.04 22.64 -2.96
C GLU C 39 3.43 22.73 -4.38
N LEU C 40 3.97 23.67 -5.14
CA LEU C 40 3.66 23.87 -6.52
C LEU C 40 3.79 22.53 -7.30
N SER C 41 4.91 21.88 -7.14
CA SER C 41 5.24 20.67 -7.80
C SER C 41 4.33 19.54 -7.45
N ASP C 42 4.03 19.40 -6.15
CA ASP C 42 3.18 18.33 -5.66
C ASP C 42 1.73 18.54 -6.10
N LEU C 43 1.38 19.78 -6.41
CA LEU C 43 0.03 20.08 -6.83
C LEU C 43 -0.14 19.97 -8.29
N TYR C 44 0.86 20.36 -9.04
CA TYR C 44 0.84 20.12 -10.45
C TYR C 44 0.79 18.58 -10.74
N ASP C 45 1.61 17.73 -10.07
CA ASP C 45 1.50 16.25 -10.23
C ASP C 45 0.12 15.73 -9.84
N LYS C 46 -0.44 16.27 -8.77
CA LYS C 46 -1.76 15.84 -8.37
C LYS C 46 -2.86 16.09 -9.43
N HIS C 47 -2.71 17.15 -10.23
CA HIS C 47 -3.77 17.56 -11.17
C HIS C 47 -3.54 17.17 -12.65
N ILE C 48 -2.45 16.42 -12.90
CA ILE C 48 -2.08 16.01 -14.24
C ILE C 48 -3.29 15.47 -15.02
N HIS C 49 -4.09 14.60 -14.37
CA HIS C 49 -5.22 13.96 -15.04
C HIS C 49 -6.55 14.60 -14.67
N ASP C 50 -6.49 15.77 -14.06
CA ASP C 50 -7.69 16.55 -13.74
C ASP C 50 -8.26 17.13 -15.05
N GLN C 51 -9.42 16.63 -15.44
CA GLN C 51 -10.04 17.09 -16.67
C GLN C 51 -10.80 18.43 -16.56
N SER C 52 -10.92 18.97 -15.34
CA SER C 52 -11.59 20.25 -15.11
C SER C 52 -10.68 21.49 -15.26
N GLU C 53 -9.46 21.35 -15.74
CA GLU C 53 -8.59 22.54 -15.95
C GLU C 53 -7.64 22.40 -17.15
N ARG C 54 -7.23 23.54 -17.71
CA ARG C 54 -6.18 23.54 -18.68
C ARG C 54 -5.32 24.71 -18.36
N ARG C 55 -4.04 24.47 -18.13
CA ARG C 55 -3.17 25.57 -17.80
C ARG C 55 -2.27 25.77 -18.99
N PHE C 56 -2.07 27.02 -19.40
CA PHE C 56 -1.18 27.30 -20.50
C PHE C 56 -0.06 28.24 -20.16
N VAL C 57 1.06 28.10 -20.85
CA VAL C 57 2.06 29.13 -20.91
C VAL C 57 1.81 30.02 -22.17
N VAL C 58 2.06 31.32 -22.00
CA VAL C 58 1.92 32.25 -23.04
C VAL C 58 3.29 32.57 -23.66
N GLU C 59 3.48 32.27 -24.94
CA GLU C 59 4.75 32.61 -25.59
C GLU C 59 4.60 33.77 -26.57
N CYS C 60 5.49 34.76 -26.44
CA CYS C 60 5.66 35.90 -27.36
C CYS C 60 7.05 35.73 -27.98
N ASP C 61 7.03 35.43 -29.27
CA ASP C 61 8.21 35.07 -30.04
C ASP C 61 9.09 34.10 -29.29
N GLY C 62 8.48 32.97 -28.92
CA GLY C 62 9.19 31.84 -28.36
C GLY C 62 9.61 32.05 -26.92
N GLU C 63 9.27 33.22 -26.37
CA GLU C 63 9.57 33.54 -24.98
C GLU C 63 8.37 33.37 -24.08
N LYS C 64 8.63 32.80 -22.92
CA LYS C 64 7.69 32.74 -21.79
C LYS C 64 7.29 34.14 -21.38
N ALA C 65 6.00 34.45 -21.45
CA ALA C 65 5.55 35.85 -21.26
C ALA C 65 4.42 35.97 -20.24
N GLY C 66 3.71 34.86 -19.99
CA GLY C 66 2.63 34.90 -19.01
C GLY C 66 1.91 33.58 -18.93
N LEU C 67 0.81 33.57 -18.23
CA LEU C 67 0.06 32.36 -17.94
C LEU C 67 -1.40 32.58 -18.23
N VAL C 68 -2.03 31.61 -18.85
CA VAL C 68 -3.46 31.61 -18.97
C VAL C 68 -3.93 30.28 -18.49
N GLU C 69 -4.99 30.25 -17.70
CA GLU C 69 -5.59 29.02 -17.27
C GLU C 69 -7.09 29.06 -17.46
N LEU C 70 -7.72 27.90 -17.69
CA LEU C 70 -9.16 27.74 -17.65
C LEU C 70 -9.49 26.71 -16.58
N VAL C 71 -10.36 27.07 -15.65
CA VAL C 71 -10.49 26.25 -14.45
C VAL C 71 -11.95 26.05 -14.17
N GLU C 72 -12.26 25.12 -13.27
CA GLU C 72 -13.60 24.81 -12.94
C GLU C 72 -14.38 24.49 -14.18
N ILE C 73 -13.74 23.90 -15.19
CA ILE C 73 -14.46 23.49 -16.39
C ILE C 73 -15.58 22.58 -16.00
N ASN C 74 -16.83 23.03 -16.10
CA ASN C 74 -17.98 22.17 -15.82
C ASN C 74 -18.66 21.82 -17.13
N HIS C 75 -18.91 20.54 -17.40
CA HIS C 75 -19.29 20.18 -18.80
C HIS C 75 -20.77 19.92 -18.98
N VAL C 76 -21.47 19.68 -17.89
CA VAL C 76 -22.91 19.64 -17.95
C VAL C 76 -23.45 21.08 -18.13
N HIS C 77 -22.96 22.00 -17.33
CA HIS C 77 -23.40 23.37 -17.49
C HIS C 77 -22.61 24.07 -18.58
N ARG C 78 -21.60 23.38 -19.13
CA ARG C 78 -20.76 23.93 -20.21
C ARG C 78 -20.18 25.31 -19.93
N ARG C 79 -19.45 25.47 -18.83
CA ARG C 79 -18.74 26.72 -18.58
C ARG C 79 -17.42 26.48 -17.82
N ALA C 80 -16.61 27.52 -17.70
CA ALA C 80 -15.33 27.48 -17.02
C ALA C 80 -14.99 28.90 -16.70
N GLU C 81 -14.12 29.07 -15.70
CA GLU C 81 -13.54 30.34 -15.38
C GLU C 81 -12.25 30.57 -16.12
N PHE C 82 -11.97 31.80 -16.51
CA PHE C 82 -10.80 32.12 -17.31
C PHE C 82 -9.93 33.01 -16.41
N GLN C 83 -8.62 33.00 -16.55
CA GLN C 83 -7.73 33.83 -15.72
C GLN C 83 -6.41 33.95 -16.44
N ILE C 84 -5.72 35.07 -16.30
CA ILE C 84 -4.55 35.37 -17.11
C ILE C 84 -3.56 36.27 -16.40
N ILE C 85 -2.32 36.20 -16.80
CA ILE C 85 -1.29 37.01 -16.23
C ILE C 85 -0.27 37.27 -17.31
N ILE C 86 0.30 38.47 -17.35
CA ILE C 86 1.44 38.72 -18.22
C ILE C 86 2.61 39.08 -17.32
N SER C 87 3.77 38.43 -17.49
CA SER C 87 4.96 38.78 -16.72
C SER C 87 5.06 40.33 -16.67
N PRO C 88 5.53 40.89 -15.54
CA PRO C 88 5.67 42.35 -15.47
C PRO C 88 6.51 42.95 -16.63
N GLU C 89 7.62 42.33 -16.99
CA GLU C 89 8.43 42.86 -18.10
C GLU C 89 7.78 42.73 -19.48
N TYR C 90 6.67 42.02 -19.60
CA TYR C 90 6.09 41.83 -20.92
C TYR C 90 4.80 42.62 -21.03
N GLN C 91 4.53 43.40 -19.98
CA GLN C 91 3.30 44.19 -19.88
C GLN C 91 3.26 45.36 -20.86
N GLY C 92 2.07 45.93 -21.00
CA GLY C 92 1.85 47.09 -21.88
C GLY C 92 2.18 46.94 -23.37
N LYS C 93 2.40 45.71 -23.88
CA LYS C 93 2.68 45.47 -25.32
C LYS C 93 1.51 44.80 -26.10
N GLY C 94 0.29 44.91 -25.56
CA GLY C 94 -0.86 44.27 -26.22
C GLY C 94 -1.17 42.81 -25.84
N LEU C 95 -0.29 42.20 -25.07
CA LEU C 95 -0.36 40.74 -24.80
C LEU C 95 -1.61 40.22 -24.10
N ALA C 96 -2.07 40.85 -23.02
CA ALA C 96 -3.27 40.38 -22.34
C ALA C 96 -4.40 40.12 -23.32
N THR C 97 -4.56 41.03 -24.25
CA THR C 97 -5.68 40.99 -25.15
C THR C 97 -5.49 39.84 -26.09
N ARG C 98 -4.33 39.78 -26.74
CA ARG C 98 -4.06 38.70 -27.67
C ARG C 98 -4.18 37.32 -27.04
N ALA C 99 -3.65 37.19 -25.82
CA ALA C 99 -3.71 35.94 -25.08
C ALA C 99 -5.11 35.64 -24.54
N ALA C 100 -5.90 36.67 -24.24
CA ALA C 100 -7.28 36.39 -23.81
C ALA C 100 -8.09 35.82 -24.96
N LYS C 101 -7.80 36.28 -26.17
CA LYS C 101 -8.51 35.83 -27.35
C LYS C 101 -8.22 34.38 -27.62
N LEU C 102 -6.93 34.02 -27.51
CA LEU C 102 -6.51 32.62 -27.65
C LEU C 102 -7.22 31.71 -26.64
N ALA C 103 -7.42 32.23 -25.44
CA ALA C 103 -8.04 31.46 -24.37
C ALA C 103 -9.48 31.15 -24.73
N MET C 104 -10.24 32.22 -25.00
CA MET C 104 -11.63 32.14 -25.37
C MET C 104 -11.77 31.24 -26.57
N ASP C 105 -10.88 31.47 -27.52
CA ASP C 105 -10.84 30.56 -28.65
C ASP C 105 -10.84 29.11 -28.20
N TYR C 106 -9.97 28.79 -27.24
CA TYR C 106 -9.84 27.40 -26.76
C TYR C 106 -11.08 26.96 -26.01
N GLY C 107 -11.57 27.82 -25.12
CA GLY C 107 -12.83 27.53 -24.45
C GLY C 107 -13.95 27.14 -25.43
N PHE C 108 -14.12 28.00 -26.46
CA PHE C 108 -15.31 27.97 -27.28
C PHE C 108 -15.15 27.10 -28.48
N THR C 109 -13.97 27.10 -29.08
CA THR C 109 -13.77 26.27 -30.29
C THR C 109 -13.18 24.90 -30.05
N VAL C 110 -12.40 24.75 -28.97
CA VAL C 110 -11.87 23.39 -28.60
C VAL C 110 -12.69 22.66 -27.51
N LEU C 111 -12.86 23.31 -26.35
CA LEU C 111 -13.59 22.69 -25.21
C LEU C 111 -15.11 22.64 -25.36
N ASN C 112 -15.64 23.32 -26.39
CA ASN C 112 -17.10 23.39 -26.68
C ASN C 112 -17.89 23.88 -25.51
N LEU C 113 -17.36 24.86 -24.83
CA LEU C 113 -18.07 25.55 -23.74
C LEU C 113 -19.18 26.56 -24.19
N TYR C 114 -20.24 26.67 -23.40
CA TYR C 114 -21.27 27.70 -23.57
C TYR C 114 -20.93 29.11 -22.98
N LYS C 115 -20.33 29.17 -21.79
CA LYS C 115 -20.06 30.43 -21.07
C LYS C 115 -18.59 30.54 -20.65
N LEU C 116 -18.01 31.73 -20.65
CA LEU C 116 -16.76 31.98 -19.95
C LEU C 116 -16.94 33.18 -19.06
N TYR C 117 -16.49 33.05 -17.83
CA TYR C 117 -16.52 34.13 -16.90
C TYR C 117 -15.16 34.34 -16.25
N LEU C 118 -15.04 35.48 -15.59
CA LEU C 118 -13.82 35.84 -14.96
C LEU C 118 -14.17 36.74 -13.77
N ILE C 119 -13.20 36.90 -12.87
CA ILE C 119 -13.36 37.76 -11.76
C ILE C 119 -12.25 38.77 -11.84
N VAL C 120 -12.59 40.05 -11.66
CA VAL C 120 -11.58 41.11 -11.54
C VAL C 120 -11.93 42.06 -10.44
N ASP C 121 -10.88 42.66 -9.89
CA ASP C 121 -10.99 43.74 -8.91
C ASP C 121 -11.70 44.96 -9.50
N LYS C 122 -12.72 45.42 -8.78
CA LYS C 122 -13.49 46.60 -9.17
C LYS C 122 -12.60 47.77 -9.62
N GLU C 123 -11.42 47.92 -8.99
CA GLU C 123 -10.46 49.01 -9.22
C GLU C 123 -9.63 48.81 -10.47
N ASN C 124 -9.62 47.57 -10.95
CA ASN C 124 -8.76 47.25 -12.07
C ASN C 124 -9.43 47.72 -13.37
N GLU C 125 -9.65 49.03 -13.49
CA GLU C 125 -10.28 49.56 -14.71
C GLU C 125 -9.49 49.25 -16.00
N LYS C 126 -8.16 49.25 -15.97
CA LYS C 126 -7.41 48.78 -17.12
C LYS C 126 -7.96 47.45 -17.66
N ALA C 127 -8.04 46.43 -16.80
CA ALA C 127 -8.45 45.08 -17.24
C ALA C 127 -9.91 45.04 -17.67
N ILE C 128 -10.78 45.63 -16.88
CA ILE C 128 -12.20 45.75 -17.25
C ILE C 128 -12.40 46.31 -18.67
N HIS C 129 -11.48 47.17 -19.10
CA HIS C 129 -11.53 47.73 -20.44
C HIS C 129 -11.37 46.59 -21.42
N ILE C 130 -10.19 45.97 -21.36
CA ILE C 130 -9.87 44.82 -22.19
C ILE C 130 -11.07 43.92 -22.37
N TYR C 131 -11.77 43.63 -21.29
CA TYR C 131 -12.86 42.67 -21.35
C TYR C 131 -14.17 43.23 -21.90
N ARG C 132 -14.49 44.48 -21.57
CA ARG C 132 -15.65 45.15 -22.21
C ARG C 132 -15.46 45.20 -23.72
N LYS C 133 -14.25 45.55 -24.16
CA LYS C 133 -13.98 45.63 -25.57
C LYS C 133 -13.92 44.26 -26.23
N LEU C 134 -13.78 43.20 -25.44
CA LEU C 134 -13.81 41.88 -26.02
C LEU C 134 -15.21 41.32 -26.10
N GLY C 135 -16.14 41.95 -25.41
CA GLY C 135 -17.54 41.63 -25.52
C GLY C 135 -18.12 40.99 -24.28
N PHE C 136 -17.30 40.98 -23.21
CA PHE C 136 -17.70 40.49 -21.88
C PHE C 136 -18.57 41.57 -21.33
N SER C 137 -19.60 41.16 -20.62
CA SER C 137 -20.46 42.05 -19.95
C SER C 137 -20.54 41.63 -18.45
N VAL C 138 -20.94 42.54 -17.56
CA VAL C 138 -20.87 42.38 -16.10
C VAL C 138 -22.09 41.62 -15.65
N GLU C 139 -21.92 40.53 -14.89
CA GLU C 139 -23.08 39.81 -14.31
C GLU C 139 -23.13 39.88 -12.82
N GLY C 140 -22.07 40.36 -12.21
CA GLY C 140 -22.09 40.50 -10.76
C GLY C 140 -21.08 41.47 -10.20
N GLU C 141 -21.40 42.01 -9.03
CA GLU C 141 -20.45 42.75 -8.23
C GLU C 141 -20.41 42.17 -6.80
N LEU C 142 -19.34 41.43 -6.52
CA LEU C 142 -19.31 40.69 -5.29
C LEU C 142 -18.61 41.60 -4.34
N MET C 143 -19.38 42.03 -3.35
CA MET C 143 -18.94 42.96 -2.35
C MET C 143 -18.10 42.25 -1.31
N HIS C 144 -16.87 42.74 -1.19
CA HIS C 144 -15.96 42.33 -0.13
C HIS C 144 -15.66 40.80 -0.25
N GLU C 145 -15.36 40.36 -1.48
CA GLU C 145 -15.35 38.93 -1.76
C GLU C 145 -14.01 38.38 -1.35
N PHE C 146 -13.05 39.28 -1.17
CA PHE C 146 -11.65 38.97 -0.97
C PHE C 146 -10.97 39.96 -0.02
N PHE C 147 -10.14 39.44 0.86
CA PHE C 147 -9.30 40.24 1.67
C PHE C 147 -7.91 40.22 1.04
N ILE C 148 -7.45 41.37 0.58
CA ILE C 148 -6.18 41.46 -0.16
C ILE C 148 -5.34 42.60 0.37
N ASN C 149 -4.06 42.35 0.55
CA ASN C 149 -3.16 43.38 1.17
C ASN C 149 -3.86 44.41 2.06
N GLY C 150 -4.55 43.91 3.08
CA GLY C 150 -4.93 44.71 4.19
C GLY C 150 -6.36 45.14 4.27
N GLN C 151 -7.20 44.76 3.30
CA GLN C 151 -8.62 45.20 3.31
C GLN C 151 -9.53 44.42 2.35
N TYR C 152 -10.84 44.44 2.60
CA TYR C 152 -11.78 43.83 1.63
C TYR C 152 -11.90 44.51 0.25
N ARG C 153 -12.03 43.72 -0.79
CA ARG C 153 -12.04 44.26 -2.14
C ARG C 153 -13.28 43.77 -2.77
N ASN C 154 -13.80 44.54 -3.71
CA ASN C 154 -14.97 44.11 -4.42
C ASN C 154 -14.53 43.51 -5.73
N ALA C 155 -15.24 42.46 -6.14
CA ALA C 155 -14.86 41.74 -7.34
C ALA C 155 -15.94 41.83 -8.41
N ILE C 156 -15.53 42.09 -9.63
CA ILE C 156 -16.47 42.13 -10.73
C ILE C 156 -16.49 40.80 -11.48
N ARG C 157 -17.68 40.17 -11.55
CA ARG C 157 -17.86 39.00 -12.42
C ARG C 157 -18.34 39.35 -13.82
N MET C 158 -17.49 39.10 -14.79
CA MET C 158 -17.80 39.28 -16.20
C MET C 158 -17.86 37.95 -16.96
N CYS C 159 -18.73 37.90 -17.97
CA CYS C 159 -18.88 36.74 -18.83
C CYS C 159 -19.13 37.06 -20.31
N ILE C 160 -19.19 35.99 -21.12
CA ILE C 160 -19.31 36.05 -22.57
C ILE C 160 -19.71 34.66 -23.01
N PHE C 161 -20.38 34.56 -24.15
CA PHE C 161 -20.95 33.27 -24.53
C PHE C 161 -20.43 32.80 -25.84
N GLN C 162 -20.63 31.51 -26.12
CA GLN C 162 -20.05 30.82 -27.27
C GLN C 162 -20.58 31.46 -28.58
N HIS C 163 -21.89 31.55 -28.69
CA HIS C 163 -22.53 32.07 -29.89
C HIS C 163 -22.05 33.49 -30.14
N GLN C 164 -21.82 34.25 -29.06
CA GLN C 164 -21.32 35.60 -29.25
C GLN C 164 -19.85 35.75 -29.58
N TYR C 165 -18.98 34.93 -29.00
CA TYR C 165 -17.58 34.94 -29.43
C TYR C 165 -17.52 34.50 -30.87
N LEU C 166 -18.27 33.44 -31.20
CA LEU C 166 -18.24 32.81 -32.51
C LEU C 166 -18.76 33.71 -33.65
N ALA C 167 -19.88 34.37 -33.41
CA ALA C 167 -20.41 35.35 -34.34
C ALA C 167 -19.35 36.43 -34.68
N GLU C 168 -18.78 37.01 -33.61
CA GLU C 168 -17.87 38.17 -33.61
C GLU C 168 -16.54 37.96 -34.35
N HIS C 169 -16.04 36.71 -34.36
CA HIS C 169 -14.79 36.31 -35.05
C HIS C 169 -15.05 34.98 -35.85
N LYS C 170 -15.68 35.11 -37.03
CA LYS C 170 -16.15 34.00 -37.89
C LYS C 170 -15.66 34.13 -39.36
N HIS D 1 50.94 -13.06 5.20
CA HIS D 1 49.59 -13.49 4.71
C HIS D 1 48.44 -13.20 5.70
N SER D 2 47.85 -12.00 5.60
CA SER D 2 46.76 -11.54 6.49
C SER D 2 45.43 -12.10 6.03
N VAL D 3 44.73 -12.75 6.96
CA VAL D 3 43.42 -13.38 6.65
C VAL D 3 42.37 -13.00 7.71
N LYS D 4 41.20 -12.54 7.24
CA LYS D 4 40.09 -12.13 8.12
C LYS D 4 38.75 -12.22 7.46
N LEU D 5 37.70 -12.37 8.28
CA LEU D 5 36.30 -12.24 7.86
C LEU D 5 35.70 -10.83 8.05
N ARG D 6 34.94 -10.40 7.04
CA ARG D 6 33.96 -9.28 7.13
C ARG D 6 32.56 -9.69 6.59
N PRO D 7 31.48 -8.96 6.98
CA PRO D 7 30.14 -9.32 6.47
C PRO D 7 30.06 -9.19 4.93
N LEU D 8 29.17 -9.97 4.33
CA LEU D 8 28.89 -9.82 2.91
C LEU D 8 28.17 -8.48 2.65
N GLU D 9 28.80 -7.64 1.85
CA GLU D 9 28.25 -6.33 1.52
C GLU D 9 27.62 -6.30 0.13
N ARG D 10 26.70 -5.36 -0.05
CA ARG D 10 26.07 -5.14 -1.35
C ARG D 10 27.08 -4.98 -2.43
N GLU D 11 28.15 -4.23 -2.15
CA GLU D 11 29.15 -3.99 -3.17
C GLU D 11 29.98 -5.24 -3.44
N ASP D 12 29.77 -6.31 -2.68
CA ASP D 12 30.41 -7.59 -3.01
C ASP D 12 29.60 -8.52 -3.91
N LEU D 13 28.39 -8.16 -4.26
CA LEU D 13 27.45 -9.12 -4.84
C LEU D 13 27.84 -9.58 -6.25
N ARG D 14 28.43 -8.70 -7.02
CA ARG D 14 28.99 -9.03 -8.30
C ARG D 14 30.05 -10.14 -8.18
N TYR D 15 30.87 -10.06 -7.13
CA TYR D 15 31.81 -11.10 -6.83
C TYR D 15 31.07 -12.36 -6.50
N VAL D 16 29.99 -12.28 -5.73
CA VAL D 16 29.24 -13.49 -5.45
C VAL D 16 28.57 -14.05 -6.69
N HIS D 17 28.25 -13.14 -7.61
CA HIS D 17 27.47 -13.46 -8.79
C HIS D 17 28.24 -14.48 -9.68
N GLN D 18 29.53 -14.20 -9.87
CA GLN D 18 30.43 -15.01 -10.64
C GLN D 18 30.55 -16.44 -10.12
N LEU D 19 30.66 -16.56 -8.80
CA LEU D 19 30.81 -17.85 -8.15
C LEU D 19 29.53 -18.68 -8.19
N ASP D 20 28.40 -17.99 -8.10
CA ASP D 20 27.09 -18.61 -8.20
C ASP D 20 26.74 -19.12 -9.61
N ASN D 21 27.51 -18.73 -10.61
CA ASN D 21 27.27 -19.28 -11.93
C ASN D 21 28.41 -20.16 -12.34
N ASN D 22 29.20 -20.56 -11.35
CA ASN D 22 30.38 -21.33 -11.63
C ASN D 22 30.05 -22.74 -11.20
N ALA D 23 29.79 -23.59 -12.19
CA ALA D 23 29.20 -24.91 -11.91
C ALA D 23 30.11 -25.83 -11.05
N SER D 24 31.42 -25.77 -11.34
CA SER D 24 32.46 -26.54 -10.68
C SER D 24 32.39 -26.26 -9.20
N VAL D 25 32.15 -25.01 -8.86
CA VAL D 25 32.11 -24.61 -7.47
C VAL D 25 30.76 -24.81 -6.85
N MET D 26 29.70 -24.43 -7.55
CA MET D 26 28.34 -24.63 -7.04
C MET D 26 27.97 -26.09 -6.73
N ARG D 27 28.53 -27.03 -7.50
CA ARG D 27 28.22 -28.44 -7.31
C ARG D 27 28.42 -28.92 -5.85
N TYR D 28 29.41 -28.35 -5.16
CA TYR D 28 29.77 -28.81 -3.80
C TYR D 28 28.94 -28.15 -2.74
N TRP D 29 28.36 -27.02 -3.09
CA TRP D 29 27.36 -26.44 -2.20
C TRP D 29 25.99 -27.04 -2.44
N PHE D 30 25.87 -27.89 -3.47
CA PHE D 30 24.61 -28.57 -3.89
C PHE D 30 23.56 -27.55 -4.33
N GLU D 31 24.06 -26.55 -5.03
CA GLU D 31 23.32 -25.38 -5.39
C GLU D 31 23.14 -25.37 -6.90
N GLU D 32 21.92 -25.21 -7.39
CA GLU D 32 21.77 -25.07 -8.83
C GLU D 32 22.72 -23.96 -9.33
N PRO D 33 23.54 -24.26 -10.34
CA PRO D 33 24.46 -23.18 -10.81
C PRO D 33 23.79 -22.18 -11.78
N TYR D 34 22.74 -21.49 -11.33
CA TYR D 34 22.09 -20.48 -12.18
C TYR D 34 21.65 -19.31 -11.31
N GLU D 35 22.05 -18.12 -11.71
CA GLU D 35 21.62 -16.95 -10.94
C GLU D 35 21.73 -15.66 -11.73
N ALA D 36 20.59 -15.03 -11.99
CA ALA D 36 20.64 -13.73 -12.61
C ALA D 36 21.04 -12.72 -11.54
N PHE D 37 21.77 -11.69 -11.89
CA PHE D 37 22.15 -10.72 -10.87
C PHE D 37 20.96 -10.09 -10.14
N VAL D 38 19.81 -9.95 -10.82
CA VAL D 38 18.63 -9.36 -10.13
C VAL D 38 18.02 -10.30 -9.10
N GLU D 39 18.22 -11.61 -9.26
CA GLU D 39 17.70 -12.58 -8.30
C GLU D 39 18.54 -12.52 -7.07
N LEU D 40 19.84 -12.46 -7.26
CA LEU D 40 20.80 -12.40 -6.20
C LEU D 40 20.63 -11.13 -5.34
N SER D 41 20.41 -10.00 -6.01
CA SER D 41 20.08 -8.73 -5.34
C SER D 41 18.83 -8.74 -4.51
N ASP D 42 17.74 -9.25 -5.09
CA ASP D 42 16.47 -9.23 -4.37
C ASP D 42 16.59 -10.05 -3.15
N LEU D 43 17.24 -11.22 -3.27
CA LEU D 43 17.35 -12.15 -2.17
C LEU D 43 18.28 -11.57 -1.13
N TYR D 44 19.36 -10.91 -1.56
CA TYR D 44 20.25 -10.40 -0.54
C TYR D 44 19.50 -9.30 0.21
N ASP D 45 18.78 -8.43 -0.52
CA ASP D 45 17.89 -7.44 0.15
C ASP D 45 16.81 -8.07 1.01
N LYS D 46 16.14 -9.08 0.50
CA LYS D 46 15.15 -9.72 1.35
C LYS D 46 15.79 -10.19 2.69
N HIS D 47 17.08 -10.51 2.72
CA HIS D 47 17.61 -11.22 3.88
C HIS D 47 18.35 -10.36 4.91
N ILE D 48 18.43 -9.06 4.63
CA ILE D 48 19.24 -8.14 5.35
C ILE D 48 19.04 -8.22 6.84
N HIS D 49 17.77 -8.30 7.28
CA HIS D 49 17.39 -8.41 8.71
C HIS D 49 17.06 -9.80 9.20
N ASP D 50 17.36 -10.79 8.36
CA ASP D 50 17.26 -12.19 8.76
C ASP D 50 18.36 -12.41 9.80
N GLN D 51 17.99 -12.75 11.03
CA GLN D 51 19.04 -12.95 12.01
C GLN D 51 19.45 -14.44 12.05
N SER D 52 18.94 -15.23 11.10
CA SER D 52 19.24 -16.67 11.11
C SER D 52 20.43 -16.99 10.29
N GLU D 53 21.14 -15.98 9.80
CA GLU D 53 22.30 -16.23 8.98
C GLU D 53 23.38 -15.18 9.17
N ARG D 54 24.62 -15.56 8.87
CA ARG D 54 25.68 -14.60 8.81
C ARG D 54 26.55 -14.94 7.58
N ARG D 55 26.62 -14.02 6.63
CA ARG D 55 27.38 -14.29 5.48
C ARG D 55 28.65 -13.47 5.50
N PHE D 56 29.78 -14.13 5.38
CA PHE D 56 31.03 -13.39 5.36
C PHE D 56 31.72 -13.44 4.03
N VAL D 57 32.47 -12.38 3.73
CA VAL D 57 33.56 -12.43 2.76
C VAL D 57 34.88 -12.80 3.49
N VAL D 58 35.64 -13.69 2.85
CA VAL D 58 36.95 -14.11 3.30
C VAL D 58 37.93 -13.17 2.60
N GLU D 59 38.74 -12.44 3.35
CA GLU D 59 39.76 -11.56 2.73
C GLU D 59 41.18 -12.14 2.95
N CYS D 60 41.99 -12.20 1.89
CA CYS D 60 43.42 -12.55 1.99
C CYS D 60 44.25 -11.33 1.57
N ASP D 61 45.16 -10.89 2.44
CA ASP D 61 45.85 -9.57 2.28
C ASP D 61 44.95 -8.47 1.69
N GLY D 62 43.68 -8.48 2.09
CA GLY D 62 42.72 -7.44 1.72
C GLY D 62 41.98 -7.61 0.39
N GLU D 63 42.22 -8.71 -0.33
CA GLU D 63 41.73 -8.79 -1.71
C GLU D 63 40.55 -9.75 -1.99
N LYS D 64 40.08 -10.56 -1.05
CA LYS D 64 38.80 -11.18 -1.36
C LYS D 64 38.95 -12.49 -2.11
N ALA D 65 38.83 -13.56 -1.36
CA ALA D 65 39.39 -14.80 -1.77
C ALA D 65 38.40 -15.91 -1.68
N GLY D 66 37.26 -15.64 -1.07
CA GLY D 66 36.19 -16.62 -0.89
C GLY D 66 35.04 -16.16 0.00
N LEU D 67 34.16 -17.09 0.34
CA LEU D 67 32.93 -16.82 1.06
C LEU D 67 32.83 -17.85 2.14
N VAL D 68 32.39 -17.45 3.31
CA VAL D 68 32.09 -18.43 4.37
C VAL D 68 30.81 -17.98 5.08
N GLU D 69 29.93 -18.90 5.45
CA GLU D 69 28.59 -18.51 5.93
C GLU D 69 28.14 -19.44 7.02
N LEU D 70 27.41 -18.92 8.00
CA LEU D 70 26.69 -19.75 8.95
C LEU D 70 25.20 -19.50 8.69
N VAL D 71 24.46 -20.52 8.29
CA VAL D 71 23.04 -20.36 7.99
C VAL D 71 22.28 -21.29 8.90
N GLU D 72 20.97 -21.14 8.96
CA GLU D 72 20.08 -21.97 9.80
C GLU D 72 20.42 -21.85 11.25
N ILE D 73 20.87 -20.66 11.65
CA ILE D 73 21.24 -20.38 13.01
C ILE D 73 19.98 -20.55 13.84
N ASN D 74 19.95 -21.59 14.66
CA ASN D 74 18.86 -21.81 15.64
C ASN D 74 19.35 -21.62 17.10
N HIS D 75 18.82 -20.65 17.85
CA HIS D 75 19.49 -20.36 19.16
C HIS D 75 18.83 -21.08 20.28
N VAL D 76 17.62 -21.59 20.07
CA VAL D 76 17.06 -22.43 21.10
C VAL D 76 17.93 -23.69 21.22
N HIS D 77 18.09 -24.39 20.10
CA HIS D 77 18.90 -25.58 20.01
C HIS D 77 20.36 -25.20 19.77
N ARG D 78 20.62 -23.90 19.67
CA ARG D 78 21.99 -23.41 19.66
C ARG D 78 22.89 -24.14 18.65
N ARG D 79 22.45 -24.16 17.39
CA ARG D 79 23.26 -24.69 16.30
C ARG D 79 23.15 -23.88 15.00
N ALA D 80 24.11 -24.12 14.10
CA ALA D 80 24.14 -23.55 12.74
C ALA D 80 24.88 -24.42 11.71
N GLU D 81 24.53 -24.25 10.43
CA GLU D 81 25.20 -24.91 9.35
C GLU D 81 26.36 -24.05 8.83
N PHE D 82 27.43 -24.71 8.41
CA PHE D 82 28.63 -24.01 8.01
C PHE D 82 28.84 -24.31 6.53
N GLN D 83 29.17 -23.34 5.71
CA GLN D 83 29.48 -23.61 4.32
C GLN D 83 30.67 -22.68 4.03
N ILE D 84 31.63 -23.14 3.20
CA ILE D 84 32.79 -22.34 2.81
C ILE D 84 33.06 -22.54 1.33
N ILE D 85 33.64 -21.54 0.68
CA ILE D 85 34.08 -21.61 -0.67
C ILE D 85 35.34 -20.77 -0.80
N ILE D 86 36.36 -21.33 -1.41
CA ILE D 86 37.52 -20.51 -1.73
C ILE D 86 37.57 -20.37 -3.24
N SER D 87 37.70 -19.13 -3.72
CA SER D 87 37.70 -18.87 -5.12
C SER D 87 38.89 -19.59 -5.75
N PRO D 88 38.68 -20.16 -6.96
CA PRO D 88 39.72 -20.93 -7.67
C PRO D 88 41.08 -20.26 -7.60
N GLU D 89 41.19 -19.07 -8.17
CA GLU D 89 42.48 -18.40 -8.22
C GLU D 89 43.15 -18.29 -6.87
N TYR D 90 42.44 -18.63 -5.79
CA TYR D 90 43.01 -18.54 -4.44
C TYR D 90 43.13 -19.84 -3.69
N GLN D 91 42.84 -20.95 -4.36
CA GLN D 91 43.00 -22.27 -3.75
C GLN D 91 44.44 -22.73 -3.55
N GLY D 92 44.56 -23.76 -2.70
CA GLY D 92 45.85 -24.40 -2.40
C GLY D 92 46.83 -23.48 -1.71
N LYS D 93 46.37 -22.68 -0.75
CA LYS D 93 47.26 -21.76 -0.04
C LYS D 93 47.02 -21.82 1.47
N GLY D 94 46.27 -22.84 1.91
CA GLY D 94 45.88 -22.94 3.31
C GLY D 94 44.78 -21.96 3.73
N LEU D 95 44.03 -21.45 2.75
CA LEU D 95 42.98 -20.45 3.03
C LEU D 95 41.72 -21.05 3.61
N ALA D 96 41.21 -22.12 3.00
CA ALA D 96 40.02 -22.73 3.57
C ALA D 96 40.19 -22.99 5.04
N THR D 97 41.25 -23.70 5.38
CA THR D 97 41.49 -24.13 6.75
C THR D 97 41.38 -22.94 7.69
N ARG D 98 42.04 -21.86 7.29
CA ARG D 98 42.13 -20.66 8.06
C ARG D 98 40.77 -19.93 8.20
N ALA D 99 40.14 -19.66 7.07
CA ALA D 99 38.77 -19.15 7.04
C ALA D 99 37.81 -19.99 7.86
N ALA D 100 37.89 -21.31 7.66
CA ALA D 100 37.07 -22.22 8.41
C ALA D 100 37.25 -22.03 9.90
N LYS D 101 38.48 -21.86 10.37
CA LYS D 101 38.63 -21.71 11.82
C LYS D 101 38.20 -20.34 12.31
N LEU D 102 38.34 -19.30 11.48
CA LEU D 102 37.74 -18.00 11.78
C LEU D 102 36.21 -18.08 11.90
N ALA D 103 35.58 -18.93 11.10
CA ALA D 103 34.15 -19.09 11.11
C ALA D 103 33.73 -19.85 12.33
N MET D 104 34.54 -20.85 12.68
CA MET D 104 34.21 -21.69 13.80
C MET D 104 34.37 -20.85 15.03
N ASP D 105 35.44 -20.09 15.06
CA ASP D 105 35.65 -19.14 16.12
C ASP D 105 34.40 -18.30 16.32
N TYR D 106 33.92 -17.73 15.21
CA TYR D 106 32.82 -16.78 15.24
C TYR D 106 31.54 -17.42 15.83
N GLY D 107 31.16 -18.56 15.29
CA GLY D 107 29.99 -19.32 15.77
C GLY D 107 30.10 -19.72 17.24
N PHE D 108 31.29 -20.21 17.61
CA PHE D 108 31.52 -20.64 19.00
C PHE D 108 31.75 -19.53 20.03
N THR D 109 32.43 -18.46 19.64
CA THR D 109 32.79 -17.45 20.63
C THR D 109 32.02 -16.13 20.51
N VAL D 110 31.24 -15.95 19.46
CA VAL D 110 30.39 -14.76 19.35
C VAL D 110 28.94 -15.15 19.38
N LEU D 111 28.56 -16.16 18.60
CA LEU D 111 27.14 -16.53 18.52
C LEU D 111 26.72 -17.41 19.67
N ASN D 112 27.69 -17.88 20.47
CA ASN D 112 27.40 -18.78 21.58
C ASN D 112 26.72 -20.07 21.15
N LEU D 113 27.14 -20.60 20.01
CA LEU D 113 26.57 -21.87 19.57
C LEU D 113 27.15 -23.12 20.25
N TYR D 114 26.26 -24.09 20.49
CA TYR D 114 26.65 -25.37 21.05
C TYR D 114 27.16 -26.32 19.99
N LYS D 115 26.45 -26.37 18.84
CA LYS D 115 26.73 -27.29 17.74
C LYS D 115 26.92 -26.61 16.40
N LEU D 116 28.00 -26.92 15.71
CA LEU D 116 28.18 -26.56 14.30
C LEU D 116 28.27 -27.80 13.42
N TYR D 117 27.56 -27.78 12.30
CA TYR D 117 27.46 -28.92 11.43
C TYR D 117 27.56 -28.47 10.00
N LEU D 118 27.89 -29.40 9.11
CA LEU D 118 28.08 -29.10 7.71
C LEU D 118 27.66 -30.29 6.85
N ILE D 119 27.52 -30.10 5.54
CA ILE D 119 27.16 -31.19 4.67
C ILE D 119 28.19 -31.15 3.57
N VAL D 120 28.79 -32.31 3.29
CA VAL D 120 29.83 -32.43 2.22
C VAL D 120 29.51 -33.56 1.31
N ASP D 121 29.97 -33.44 0.08
CA ASP D 121 29.92 -34.58 -0.84
C ASP D 121 30.88 -35.70 -0.40
N LYS D 122 30.35 -36.92 -0.21
CA LYS D 122 31.21 -38.08 0.04
C LYS D 122 32.47 -38.12 -0.82
N GLU D 123 32.39 -37.75 -2.09
CA GLU D 123 33.56 -37.74 -2.96
C GLU D 123 34.48 -36.55 -2.75
N ASN D 124 34.12 -35.64 -1.85
CA ASN D 124 34.91 -34.41 -1.71
C ASN D 124 36.05 -34.51 -0.68
N GLU D 125 37.05 -35.31 -1.04
CA GLU D 125 38.08 -35.73 -0.12
C GLU D 125 38.92 -34.60 0.47
N LYS D 126 39.28 -33.61 -0.36
CA LYS D 126 40.04 -32.47 0.14
C LYS D 126 39.26 -31.64 1.18
N ALA D 127 37.94 -31.56 1.04
CA ALA D 127 37.14 -30.87 2.07
C ALA D 127 37.08 -31.70 3.36
N ILE D 128 36.84 -33.00 3.22
CA ILE D 128 36.78 -33.91 4.36
C ILE D 128 38.12 -33.99 5.12
N HIS D 129 39.20 -34.02 4.34
CA HIS D 129 40.53 -33.91 4.92
C HIS D 129 40.50 -32.67 5.82
N ILE D 130 40.34 -31.51 5.21
CA ILE D 130 40.24 -30.25 5.95
C ILE D 130 39.29 -30.28 7.17
N TYR D 131 38.15 -30.96 7.11
CA TYR D 131 37.26 -30.93 8.28
C TYR D 131 37.75 -31.83 9.38
N ARG D 132 38.35 -32.95 9.02
CA ARG D 132 38.86 -33.79 10.06
C ARG D 132 40.05 -33.20 10.82
N LYS D 133 41.00 -32.56 10.13
CA LYS D 133 42.03 -31.81 10.86
C LYS D 133 41.45 -30.69 11.77
N LEU D 134 40.23 -30.23 11.46
CA LEU D 134 39.62 -29.16 12.24
C LEU D 134 38.93 -29.73 13.47
N GLY D 135 38.60 -31.01 13.43
CA GLY D 135 38.08 -31.72 14.60
C GLY D 135 36.67 -32.27 14.49
N PHE D 136 36.07 -32.16 13.30
CA PHE D 136 34.68 -32.52 13.07
C PHE D 136 34.58 -34.03 13.04
N SER D 137 33.53 -34.58 13.65
CA SER D 137 33.19 -36.00 13.50
C SER D 137 32.06 -36.19 12.46
N VAL D 138 32.06 -37.34 11.79
CA VAL D 138 30.96 -37.74 10.91
C VAL D 138 29.80 -38.18 11.75
N GLU D 139 28.60 -37.58 11.58
CA GLU D 139 27.42 -38.02 12.32
C GLU D 139 26.37 -38.75 11.45
N GLY D 140 26.45 -38.57 10.14
CA GLY D 140 25.42 -39.16 9.27
C GLY D 140 25.88 -39.26 7.83
N GLU D 141 25.29 -40.17 7.09
CA GLU D 141 25.51 -40.23 5.65
C GLU D 141 24.15 -40.18 4.97
N LEU D 142 23.92 -39.17 4.16
CA LEU D 142 22.58 -38.95 3.66
C LEU D 142 22.52 -39.54 2.27
N MET D 143 21.66 -40.54 2.12
CA MET D 143 21.63 -41.39 0.93
C MET D 143 20.88 -40.70 -0.22
N HIS D 144 21.59 -40.27 -1.24
CA HIS D 144 20.96 -39.76 -2.43
C HIS D 144 20.21 -38.48 -2.09
N GLU D 145 20.96 -37.54 -1.53
CA GLU D 145 20.33 -36.39 -0.93
C GLU D 145 20.16 -35.38 -1.99
N PHE D 146 21.03 -35.43 -2.98
CA PHE D 146 21.04 -34.39 -3.98
C PHE D 146 21.28 -34.99 -5.33
N PHE D 147 20.54 -34.50 -6.32
CA PHE D 147 20.78 -34.84 -7.68
C PHE D 147 21.65 -33.76 -8.22
N ILE D 148 22.87 -34.11 -8.56
CA ILE D 148 23.82 -33.16 -9.03
C ILE D 148 24.40 -33.67 -10.33
N ASN D 149 24.31 -32.84 -11.35
CA ASN D 149 24.90 -33.15 -12.64
C ASN D 149 24.74 -34.58 -13.12
N GLY D 150 23.52 -35.09 -13.11
CA GLY D 150 23.26 -36.33 -13.79
C GLY D 150 22.97 -37.48 -12.88
N GLN D 151 23.26 -37.34 -11.59
CA GLN D 151 23.06 -38.50 -10.72
C GLN D 151 22.89 -38.09 -9.31
N TYR D 152 22.24 -38.97 -8.54
CA TYR D 152 22.08 -38.79 -7.12
C TYR D 152 23.44 -38.89 -6.44
N ARG D 153 23.64 -38.04 -5.44
CA ARG D 153 24.91 -37.99 -4.71
C ARG D 153 24.64 -38.26 -3.24
N ASN D 154 25.71 -38.55 -2.52
CA ASN D 154 25.60 -38.95 -1.14
C ASN D 154 26.26 -37.85 -0.37
N ALA D 155 25.64 -37.49 0.75
CA ALA D 155 26.11 -36.36 1.52
C ALA D 155 26.59 -36.76 2.91
N ILE D 156 27.75 -36.29 3.30
CA ILE D 156 28.15 -36.59 4.64
C ILE D 156 27.81 -35.40 5.54
N ARG D 157 27.16 -35.71 6.64
CA ARG D 157 26.87 -34.75 7.65
C ARG D 157 27.89 -34.86 8.78
N MET D 158 28.72 -33.83 8.88
CA MET D 158 29.73 -33.74 9.93
C MET D 158 29.34 -32.65 10.94
N CYS D 159 29.79 -32.80 12.19
CA CYS D 159 29.50 -31.81 13.21
C CYS D 159 30.64 -31.69 14.21
N ILE D 160 30.61 -30.62 15.03
CA ILE D 160 31.57 -30.34 16.14
C ILE D 160 30.97 -29.38 17.18
N PHE D 161 31.38 -29.56 18.44
CA PHE D 161 30.67 -28.97 19.59
C PHE D 161 31.48 -27.95 20.30
N GLN D 162 30.82 -27.11 21.10
CA GLN D 162 31.47 -25.90 21.66
C GLN D 162 32.64 -26.32 22.58
N HIS D 163 32.37 -27.32 23.41
CA HIS D 163 33.40 -27.81 24.29
C HIS D 163 34.58 -28.53 23.56
N GLN D 164 34.38 -29.01 22.33
CA GLN D 164 35.51 -29.59 21.59
C GLN D 164 36.31 -28.47 20.90
N TYR D 165 35.66 -27.35 20.67
CA TYR D 165 36.36 -26.23 20.09
C TYR D 165 37.03 -25.38 21.18
N LEU D 166 36.27 -24.96 22.19
CA LEU D 166 36.81 -24.07 23.21
C LEU D 166 37.95 -24.68 24.00
N ALA D 167 37.81 -25.97 24.36
CA ALA D 167 38.89 -26.75 25.00
C ALA D 167 40.10 -27.14 24.09
N GLU D 168 40.11 -26.69 22.82
CA GLU D 168 41.31 -26.75 21.94
C GLU D 168 42.00 -25.34 21.75
N HIS D 169 41.18 -24.29 21.56
CA HIS D 169 41.63 -22.90 21.36
C HIS D 169 41.54 -22.02 22.65
N LYS D 170 42.70 -21.50 23.06
CA LYS D 170 42.86 -20.73 24.30
C LYS D 170 43.02 -19.23 24.00
N1 SPD E . -25.35 15.21 -7.50
C2 SPD E . -24.23 14.72 -8.28
C3 SPD E . -24.70 13.40 -8.86
C4 SPD E . -23.85 12.87 -10.01
C5 SPD E . -24.14 11.37 -10.05
N6 SPD E . -23.02 10.63 -10.60
C7 SPD E . -23.25 9.26 -11.06
C8 SPD E . -21.94 8.48 -11.30
C9 SPD E . -22.29 7.03 -11.63
N10 SPD E . -21.12 6.41 -12.17
N1A COA F . -43.81 34.64 -4.14
C2A COA F . -43.39 35.11 -2.95
N3A COA F . -43.49 34.36 -1.84
C4A COA F . -44.03 33.10 -1.87
C5A COA F . -44.46 32.59 -3.10
C6A COA F . -44.36 33.39 -4.24
N6A COA F . -44.78 32.92 -5.45
N7A COA F . -44.95 31.34 -2.88
C8A COA F . -44.81 31.07 -1.54
N9A COA F . -44.27 32.14 -0.93
C1B COA F . -43.92 32.23 0.55
C2B COA F . -44.67 33.22 1.47
O2B COA F . -44.09 34.53 1.38
C3B COA F . -44.51 32.60 2.87
O3B COA F . -43.79 33.44 3.79
P3B COA F . -44.25 33.65 5.35
O7A COA F . -43.24 34.68 5.87
O8A COA F . -45.69 34.14 5.30
O9A COA F . -44.13 32.28 5.99
C4B COA F . -43.75 31.29 2.65
O4B COA F . -44.01 30.98 1.26
C5B COA F . -44.11 30.14 3.60
O5B COA F . -42.92 29.49 4.13
P1A COA F . -42.78 27.86 4.14
O1A COA F . -43.27 27.33 5.45
O2A COA F . -43.48 27.38 2.88
O3A COA F . -41.21 27.49 3.97
P2A COA F . -40.76 25.94 3.67
O4A COA F . -40.56 25.28 5.02
O5A COA F . -41.75 25.31 2.72
O6A COA F . -39.39 26.14 2.82
CBP COA F . -38.12 26.43 0.64
CCP COA F . -39.28 25.77 1.42
CDP COA F . -36.68 26.40 1.17
CEP COA F . -38.36 26.99 -0.77
CAP COA F . -37.92 24.99 0.02
OAP COA F . -39.06 24.59 -0.78
C9P COA F . -36.65 24.65 -0.74
O9P COA F . -36.25 23.39 -0.78
N8P COA F . -35.95 25.61 -1.38
C7P COA F . -34.73 25.48 -2.14
C6P COA F . -34.24 26.90 -2.43
C5P COA F . -33.11 27.10 -1.45
O5P COA F . -33.37 27.02 -0.26
N4P COA F . -31.90 27.34 -1.92
C3P COA F . -30.72 27.53 -1.08
C2P COA F . -29.72 28.12 -2.06
S1P COA F . -29.02 26.79 -3.07
N1 SPD G . 6.20 -24.11 17.53
C2 SPD G . 5.66 -22.77 17.65
C3 SPD G . 6.76 -21.93 18.30
C4 SPD G . 6.66 -20.42 18.02
C5 SPD G . 6.11 -19.73 19.25
N6 SPD G . 6.26 -18.29 19.20
C7 SPD G . 5.27 -17.51 19.91
C8 SPD G . 5.76 -16.06 20.03
C9 SPD G . 4.71 -15.24 20.76
N10 SPD G . 4.96 -13.84 20.47
N1A COA H . 8.29 -50.59 21.53
C2A COA H . 8.04 -51.17 20.34
N3A COA H . 6.79 -51.17 19.84
C4A COA H . 5.74 -50.61 20.53
C5A COA H . 5.98 -50.00 21.76
C6A COA H . 7.29 -50.01 22.26
N6A COA H . 7.59 -49.44 23.45
N7A COA H . 4.80 -49.53 22.21
C8A COA H . 3.84 -49.84 21.29
N9A COA H . 4.42 -50.49 20.27
C1B COA H . 3.81 -51.01 19.00
C2B COA H . 2.32 -51.38 18.91
O2B COA H . 1.97 -52.68 19.39
C3B COA H . 2.16 -51.26 17.39
O3B COA H . 2.98 -52.18 16.69
P3B COA H . 2.43 -53.53 15.98
O7A COA H . 3.61 -53.94 15.12
O8A COA H . 2.20 -54.44 17.16
O9A COA H . 1.19 -53.07 15.22
C4B COA H . 2.88 -49.97 17.08
O4B COA H . 3.99 -49.99 17.99
C5B COA H . 2.05 -48.69 17.28
O5B COA H . 0.74 -48.88 16.75
P1A COA H . -0.29 -47.68 16.36
O1A COA H . -0.30 -47.70 14.84
O2A COA H . -1.55 -47.91 17.17
O3A COA H . 0.52 -46.33 16.86
P2A COA H . -0.05 -45.04 17.66
O4A COA H . -1.29 -44.64 16.88
O5A COA H . -0.25 -45.43 19.10
O6A COA H . 1.26 -44.04 17.58
CBP COA H . 2.49 -41.85 18.05
CCP COA H . 1.34 -42.59 17.34
CDP COA H . 2.31 -41.99 19.55
CEP COA H . 3.78 -42.53 17.60
CAP COA H . 2.55 -40.30 17.67
OAP COA H . 1.45 -39.47 18.10
C9P COA H . 3.83 -39.50 18.03
O9P COA H . 3.96 -38.88 19.20
N8P COA H . 4.76 -39.45 17.07
C7P COA H . 6.08 -38.90 16.91
C6P COA H . 6.57 -39.67 15.70
C5P COA H . 7.59 -38.88 14.90
O5P COA H . 8.77 -38.86 15.26
N4P COA H . 7.16 -38.23 13.82
C3P COA H . 7.99 -37.42 12.95
C2P COA H . 8.78 -36.57 13.96
S1P COA H . 9.61 -35.13 13.24
N1 SPD I . -2.38 29.04 -3.47
C2 SPD I . -0.98 29.19 -3.08
C3 SPD I . -0.97 29.84 -1.70
C4 SPD I . -1.12 28.82 -0.56
C5 SPD I . 0.23 28.56 0.12
N6 SPD I . 0.22 27.50 1.12
C7 SPD I . 1.49 27.15 1.75
C8 SPD I . 1.36 26.25 2.97
C9 SPD I . 2.74 25.74 3.35
N10 SPD I . 2.65 24.90 4.54
N1A COA J . -8.43 52.52 -18.79
C2A COA J . -8.61 52.01 -20.02
N3A COA J . -7.56 51.53 -20.74
C4A COA J . -6.29 51.55 -20.22
C5A COA J . -6.08 52.07 -18.94
C6A COA J . -7.19 52.57 -18.23
N6A COA J . -7.04 53.08 -16.99
N7A COA J . -4.74 51.97 -18.69
C8A COA J . -4.14 51.41 -19.77
N9A COA J . -5.09 51.16 -20.70
C1B COA J . -4.94 50.53 -22.05
C2B COA J . -3.65 50.82 -22.82
O2B COA J . -3.55 52.15 -23.32
C3B COA J . -3.77 49.71 -23.88
O3B COA J . -4.74 50.07 -24.91
P3B COA J . -5.77 49.10 -25.78
O7A COA J . -7.01 48.89 -24.91
O8A COA J . -6.09 49.86 -27.06
O9A COA J . -4.96 47.85 -26.08
C4B COA J . -4.21 48.53 -23.01
O4B COA J . -5.00 49.10 -21.95
C5B COA J . -3.04 47.70 -22.45
O5B COA J . -3.25 46.29 -22.58
P1A COA J . -2.07 45.19 -22.84
O1A COA J . -2.70 43.98 -23.51
O2A COA J . -0.87 45.90 -23.45
O3A COA J . -1.64 44.84 -21.30
P2A COA J . -0.54 43.75 -20.80
O4A COA J . -0.07 42.92 -21.99
O5A COA J . 0.48 44.44 -19.95
O6A COA J . -1.50 42.88 -19.80
CBP COA J . -2.86 43.07 -17.73
CCP COA J . -1.46 42.94 -18.36
CDP COA J . -3.77 41.88 -17.47
CEP COA J . -3.37 44.46 -17.27
CAP COA J . -2.03 42.87 -16.40
OAP COA J . -1.90 44.10 -15.62
C9P COA J . -2.37 41.69 -15.52
O9P COA J . -1.56 40.62 -15.44
N8P COA J . -3.52 41.74 -14.82
C7P COA J . -4.10 40.75 -13.94
C6P COA J . -5.58 41.12 -13.93
C5P COA J . -6.38 40.06 -14.64
O5P COA J . -6.12 39.77 -15.80
N4P COA J . -7.36 39.47 -13.95
C3P COA J . -8.25 38.42 -14.41
C2P COA J . -7.59 37.12 -13.99
S1P COA J . -8.60 36.30 -12.70
N1 SPD K . 20.69 -20.88 -6.49
C2 SPD K . 20.10 -20.30 -7.69
C3 SPD K . 19.03 -21.30 -8.14
C4 SPD K . 17.66 -20.63 -8.23
C5 SPD K . 17.58 -19.95 -9.58
N6 SPD K . 16.21 -19.65 -9.96
C7 SPD K . 16.03 -18.65 -10.99
C8 SPD K . 14.57 -18.24 -11.21
C9 SPD K . 14.42 -17.91 -12.70
N10 SPD K . 13.37 -16.97 -12.97
N1A COA L . 43.20 -35.34 -1.48
C2A COA L . 43.47 -35.08 -0.17
N3A COA L . 43.90 -33.86 0.22
C4A COA L . 44.05 -32.87 -0.70
C5A COA L . 43.78 -33.09 -2.04
C6A COA L . 43.35 -34.36 -2.43
N6A COA L . 43.09 -34.62 -3.72
N7A COA L . 44.04 -31.94 -2.70
C8A COA L . 44.45 -31.03 -1.80
N9A COA L . 44.46 -31.62 -0.60
C1B COA L . 44.80 -31.04 0.71
C2B COA L . 45.93 -30.02 0.65
O2B COA L . 47.24 -30.63 0.67
C3B COA L . 45.59 -29.19 1.88
O3B COA L . 45.75 -29.98 3.07
P3B COA L . 47.09 -29.96 3.97
O7A COA L . 46.57 -30.07 5.39
O8A COA L . 47.75 -28.62 3.70
O9A COA L . 47.74 -31.19 3.36
C4B COA L . 44.07 -29.05 1.77
O4B COA L . 43.65 -30.29 1.17
C5B COA L . 43.64 -27.78 1.05
O5B COA L . 43.60 -26.76 2.06
P1A COA L . 43.45 -25.17 1.81
O1A COA L . 43.24 -24.52 3.17
O2A COA L . 44.54 -24.57 0.93
O3A COA L . 42.06 -25.19 0.97
P2A COA L . 41.75 -24.33 -0.39
O4A COA L . 42.17 -22.91 -0.17
O5A COA L . 42.38 -24.95 -1.60
O6A COA L . 40.17 -24.62 -0.41
CBP COA L . 38.11 -25.93 -0.72
CCP COA L . 39.60 -25.93 -0.35
CDP COA L . 37.54 -27.34 -0.80
CEP COA L . 37.39 -25.16 0.38
CAP COA L . 37.97 -25.34 -2.17
OAP COA L . 38.44 -26.36 -3.07
C9P COA L . 36.55 -24.98 -2.61
O9P COA L . 36.09 -23.73 -2.47
N8P COA L . 35.76 -25.89 -3.15
C7P COA L . 34.39 -25.69 -3.59
C6P COA L . 33.52 -26.67 -2.78
C5P COA L . 33.68 -26.62 -1.27
O5P COA L . 34.38 -25.77 -0.75
N4P COA L . 33.01 -27.51 -0.54
C3P COA L . 33.06 -27.61 0.92
C2P COA L . 31.82 -28.34 1.39
S1P COA L . 30.96 -27.04 2.28
#